data_7DTM
#
_entry.id   7DTM
#
_cell.length_a   49.944
_cell.length_b   75.675
_cell.length_c   82.264
_cell.angle_alpha   83.530
_cell.angle_beta   75.440
_cell.angle_gamma   74.130
#
_symmetry.space_group_name_H-M   'P 1'
#
loop_
_entity.id
_entity.type
_entity.pdbx_description
1 polymer 'Metallo-beta-lactamase type 2'
2 non-polymer 'ZINC ION'
3 non-polymer 'CITRATE ANION'
4 water water
#
_entity_poly.entity_id   1
_entity_poly.type   'polypeptide(L)'
_entity_poly.pdbx_seq_one_letter_code
;AESLPDLKIEKLDEGVYVHTSFEEVNGWGVVPKHGLVVLVNAEAYLIDTPFTAKDTEKLVTWFVERGYKIKGSISSHFHS
DSTGGIEWLNSRSIPTYASELTNELLKKDGKVQATNSFSGVNYWLVKNKIEVFYPGPGHTPDNVVVWLPERKILFGGCFI
KPYGLGNLGDANIEAWPKSAKLLKSKYGKAKLVVPSHSEVGDASLLKLTLEQAVKGLNESKKPSKPSN
;
_entity_poly.pdbx_strand_id   A,B,C,D
#
loop_
_chem_comp.id
_chem_comp.type
_chem_comp.name
_chem_comp.formula
FLC non-polymer 'CITRATE ANION' 'C6 H5 O7 -3'
ZN non-polymer 'ZINC ION' 'Zn 2'
#
# COMPACT_ATOMS: atom_id res chain seq x y z
N SER A 3 20.61 -44.17 -12.80
CA SER A 3 21.44 -42.91 -12.78
C SER A 3 20.63 -41.69 -12.34
N LEU A 4 20.84 -41.27 -11.09
CA LEU A 4 20.05 -40.19 -10.48
C LEU A 4 20.41 -38.81 -11.04
N PRO A 5 19.43 -37.89 -11.13
CA PRO A 5 19.73 -36.54 -11.58
C PRO A 5 20.73 -35.80 -10.67
N ASP A 6 21.49 -34.89 -11.26
CA ASP A 6 22.54 -34.18 -10.54
C ASP A 6 21.98 -33.24 -9.46
N LEU A 7 22.71 -33.14 -8.34
CA LEU A 7 22.50 -32.08 -7.38
C LEU A 7 22.36 -30.76 -8.13
N LYS A 8 21.34 -29.97 -7.77
CA LYS A 8 21.06 -28.69 -8.38
C LYS A 8 21.16 -27.61 -7.29
N ILE A 9 21.79 -26.49 -7.62
CA ILE A 9 21.93 -25.37 -6.69
C ILE A 9 21.57 -24.10 -7.44
N GLU A 10 20.52 -23.39 -7.00
CA GLU A 10 20.17 -22.12 -7.63
C GLU A 10 19.59 -21.10 -6.68
N LYS A 11 19.89 -19.84 -7.01
CA LYS A 11 19.57 -18.71 -6.16
C LYS A 11 18.06 -18.52 -6.15
N LEU A 12 17.54 -18.27 -4.95
CA LEU A 12 16.11 -17.98 -4.75
C LEU A 12 15.89 -16.49 -4.52
N ASP A 13 16.72 -15.89 -3.69
CA ASP A 13 16.54 -14.52 -3.26
C ASP A 13 17.92 -14.07 -2.76
N GLU A 14 18.06 -12.80 -2.39
CA GLU A 14 19.32 -12.30 -1.83
C GLU A 14 19.78 -13.20 -0.68
N GLY A 15 20.97 -13.78 -0.82
CA GLY A 15 21.56 -14.62 0.24
C GLY A 15 20.90 -15.97 0.48
N VAL A 16 20.08 -16.46 -0.46
CA VAL A 16 19.35 -17.72 -0.26
C VAL A 16 19.30 -18.57 -1.51
N TYR A 17 19.85 -19.78 -1.40
CA TYR A 17 19.90 -20.73 -2.49
C TYR A 17 19.05 -21.94 -2.14
N VAL A 18 18.42 -22.52 -3.15
CA VAL A 18 17.72 -23.79 -3.00
C VAL A 18 18.64 -24.87 -3.56
N HIS A 19 18.88 -25.90 -2.76
CA HIS A 19 19.56 -27.08 -3.23
C HIS A 19 18.55 -28.21 -3.43
N THR A 20 18.70 -28.95 -4.51
CA THR A 20 17.80 -30.05 -4.84
C THR A 20 18.57 -31.31 -5.09
N SER A 21 18.19 -32.37 -4.42
CA SER A 21 18.84 -33.64 -4.56
C SER A 21 17.75 -34.65 -4.78
N PHE A 22 18.12 -35.81 -5.29
CA PHE A 22 17.17 -36.78 -5.82
C PHE A 22 17.48 -38.17 -5.32
N GLU A 23 16.45 -38.90 -4.91
CA GLU A 23 16.59 -40.31 -4.53
C GLU A 23 15.42 -41.11 -5.07
N GLU A 24 15.69 -42.35 -5.48
CA GLU A 24 14.64 -43.27 -5.88
C GLU A 24 14.02 -43.88 -4.63
N VAL A 25 12.69 -43.92 -4.61
CA VAL A 25 11.94 -44.43 -3.46
C VAL A 25 10.62 -45.01 -3.98
N ASN A 26 10.27 -46.20 -3.51
CA ASN A 26 9.20 -47.03 -4.12
C ASN A 26 7.80 -46.75 -3.52
N GLY A 27 6.75 -46.61 -4.33
CA GLY A 27 6.76 -46.65 -5.81
C GLY A 27 6.65 -45.26 -6.43
N TRP A 28 7.31 -44.27 -5.82
CA TRP A 28 7.21 -42.86 -6.21
C TRP A 28 7.96 -42.60 -7.53
N GLY A 29 9.02 -43.37 -7.79
CA GLY A 29 10.01 -43.06 -8.81
C GLY A 29 11.08 -42.18 -8.19
N VAL A 30 11.66 -41.29 -8.98
CA VAL A 30 12.64 -40.33 -8.48
C VAL A 30 11.87 -39.15 -7.88
N VAL A 31 12.22 -38.76 -6.65
CA VAL A 31 11.57 -37.64 -5.98
C VAL A 31 12.62 -36.57 -5.67
N PRO A 32 12.37 -35.32 -6.09
CA PRO A 32 13.30 -34.24 -5.71
C PRO A 32 13.10 -33.84 -4.25
N LYS A 33 14.17 -33.40 -3.61
CA LYS A 33 14.11 -32.90 -2.24
C LYS A 33 14.79 -31.54 -2.24
N HIS A 34 14.06 -30.51 -1.81
CA HIS A 34 14.59 -29.16 -1.72
C HIS A 34 15.04 -28.84 -0.31
N GLY A 35 16.19 -28.17 -0.20
CA GLY A 35 16.64 -27.55 1.03
C GLY A 35 17.19 -26.18 0.68
N LEU A 36 17.68 -25.46 1.68
CA LEU A 36 18.28 -24.14 1.45
C LEU A 36 19.73 -24.08 1.85
N VAL A 37 20.42 -23.08 1.29
CA VAL A 37 21.70 -22.65 1.82
C VAL A 37 21.51 -21.17 2.04
N VAL A 38 21.78 -20.71 3.26
CA VAL A 38 21.54 -19.33 3.64
C VAL A 38 22.87 -18.67 3.91
N LEU A 39 23.14 -17.56 3.21
CA LEU A 39 24.38 -16.81 3.38
C LEU A 39 24.25 -15.74 4.45
N VAL A 40 25.21 -15.73 5.38
CA VAL A 40 25.34 -14.70 6.40
C VAL A 40 26.73 -14.10 6.23
N ASN A 41 26.80 -13.02 5.46
CA ASN A 41 28.04 -12.40 5.00
C ASN A 41 28.88 -13.35 4.14
N ALA A 42 30.04 -13.79 4.62
CA ALA A 42 30.85 -14.78 3.89
C ALA A 42 30.70 -16.19 4.47
N GLU A 43 29.62 -16.45 5.21
CA GLU A 43 29.40 -17.76 5.86
C GLU A 43 28.10 -18.38 5.39
N ALA A 44 28.04 -19.71 5.36
CA ALA A 44 26.91 -20.42 4.78
C ALA A 44 26.35 -21.43 5.77
N TYR A 45 25.02 -21.53 5.79
CA TYR A 45 24.29 -22.49 6.61
C TYR A 45 23.43 -23.38 5.75
N LEU A 46 23.49 -24.68 6.02
CA LEU A 46 22.69 -25.65 5.28
C LEU A 46 21.37 -25.85 6.02
N ILE A 47 20.26 -25.62 5.33
CA ILE A 47 18.96 -25.92 5.86
C ILE A 47 18.52 -27.21 5.18
N ASP A 48 18.56 -28.30 5.94
CA ASP A 48 18.51 -29.67 5.45
C ASP A 48 19.77 -30.05 4.64
N THR A 49 20.08 -31.33 4.69
CA THR A 49 21.16 -31.90 3.88
C THR A 49 20.55 -32.75 2.77
N PRO A 50 21.29 -32.93 1.67
CA PRO A 50 20.92 -33.95 0.68
C PRO A 50 20.84 -35.35 1.27
N PHE A 51 20.29 -36.27 0.50
CA PHE A 51 20.16 -37.66 0.89
C PHE A 51 21.51 -38.35 1.20
N THR A 52 22.59 -37.97 0.51
CA THR A 52 23.85 -38.71 0.52
C THR A 52 25.05 -37.89 0.96
N ALA A 53 26.09 -38.59 1.42
CA ALA A 53 27.39 -37.96 1.70
C ALA A 53 27.93 -37.23 0.48
N LYS A 54 27.88 -37.92 -0.66
CA LYS A 54 28.42 -37.40 -1.94
C LYS A 54 27.79 -36.08 -2.35
N ASP A 55 26.45 -35.99 -2.34
CA ASP A 55 25.78 -34.70 -2.63
C ASP A 55 25.98 -33.64 -1.53
N THR A 56 26.08 -34.07 -0.27
CA THR A 56 26.44 -33.13 0.80
C THR A 56 27.82 -32.57 0.54
N GLU A 57 28.77 -33.43 0.15
CA GLU A 57 30.11 -32.96 -0.20
C GLU A 57 30.09 -31.97 -1.37
N LYS A 58 29.36 -32.31 -2.43
CA LYS A 58 29.23 -31.42 -3.58
C LYS A 58 28.61 -30.07 -3.22
N LEU A 59 27.56 -30.11 -2.40
CA LEU A 59 26.93 -28.89 -1.90
C LEU A 59 27.93 -28.03 -1.13
N VAL A 60 28.61 -28.62 -0.17
CA VAL A 60 29.59 -27.92 0.69
C VAL A 60 30.71 -27.32 -0.18
N THR A 61 31.26 -28.13 -1.07
CA THR A 61 32.37 -27.75 -1.92
C THR A 61 32.02 -26.60 -2.87
N TRP A 62 30.80 -26.61 -3.40
CA TRP A 62 30.31 -25.53 -4.23
C TRP A 62 30.44 -24.19 -3.52
N PHE A 63 29.98 -24.10 -2.28
CA PHE A 63 30.08 -22.85 -1.51
C PHE A 63 31.50 -22.58 -1.00
N VAL A 64 32.21 -23.60 -0.52
CA VAL A 64 33.59 -23.44 -0.04
C VAL A 64 34.50 -22.88 -1.15
N GLU A 65 34.37 -23.43 -2.37
CA GLU A 65 35.15 -22.96 -3.52
C GLU A 65 34.82 -21.52 -3.95
N ARG A 66 33.66 -21.01 -3.56
CA ARG A 66 33.28 -19.61 -3.76
C ARG A 66 33.54 -18.72 -2.52
N GLY A 67 34.43 -19.15 -1.62
CA GLY A 67 34.85 -18.33 -0.46
C GLY A 67 34.01 -18.40 0.80
N TYR A 68 32.88 -19.14 0.78
CA TYR A 68 32.00 -19.24 1.93
C TYR A 68 32.40 -20.37 2.86
N LYS A 69 32.65 -20.05 4.13
CA LYS A 69 32.87 -21.08 5.14
C LYS A 69 31.52 -21.67 5.56
N ILE A 70 31.42 -22.99 5.64
CA ILE A 70 30.19 -23.64 6.10
C ILE A 70 30.15 -23.59 7.63
N LYS A 71 29.24 -22.79 8.18
CA LYS A 71 29.14 -22.62 9.63
C LYS A 71 28.31 -23.69 10.33
N GLY A 72 27.31 -24.24 9.63
CA GLY A 72 26.53 -25.33 10.19
C GLY A 72 25.41 -25.81 9.30
N SER A 73 24.82 -26.95 9.64
CA SER A 73 23.59 -27.43 9.03
C SER A 73 22.51 -27.58 10.10
N ILE A 74 21.26 -27.37 9.71
CA ILE A 74 20.12 -27.71 10.55
C ILE A 74 19.29 -28.70 9.74
N SER A 75 18.87 -29.78 10.40
CA SER A 75 17.94 -30.75 9.82
C SER A 75 16.54 -30.57 10.38
N SER A 76 15.55 -30.47 9.48
CA SER A 76 14.18 -30.10 9.82
C SER A 76 13.34 -31.30 10.33
N HIS A 77 13.78 -32.52 10.04
CA HIS A 77 13.19 -33.73 10.66
C HIS A 77 14.10 -34.92 10.51
N PHE A 78 13.78 -36.04 11.17
CA PHE A 78 14.73 -37.15 11.27
C PHE A 78 14.95 -37.94 9.98
N HIS A 79 13.96 -37.91 9.08
CA HIS A 79 14.06 -38.69 7.83
C HIS A 79 15.32 -38.39 7.01
N SER A 80 15.75 -39.39 6.22
CA SER A 80 17.00 -39.28 5.43
C SER A 80 17.05 -38.11 4.44
N ASP A 81 15.88 -37.63 3.98
CA ASP A 81 15.85 -36.50 3.05
C ASP A 81 16.25 -35.16 3.65
N SER A 82 16.24 -35.09 4.99
CA SER A 82 16.74 -33.95 5.75
C SER A 82 18.06 -34.23 6.50
N THR A 83 18.36 -35.50 6.78
CA THR A 83 19.51 -35.88 7.65
C THR A 83 20.62 -36.68 6.99
N GLY A 84 20.49 -37.00 5.70
CA GLY A 84 21.46 -37.88 5.00
C GLY A 84 22.92 -37.44 4.96
N GLY A 85 23.16 -36.15 5.14
CA GLY A 85 24.50 -35.60 5.16
C GLY A 85 25.12 -35.37 6.54
N ILE A 86 24.40 -35.69 7.62
CA ILE A 86 24.89 -35.42 9.00
C ILE A 86 26.20 -36.20 9.30
N GLU A 87 26.20 -37.49 9.03
CA GLU A 87 27.46 -38.29 9.10
C GLU A 87 28.63 -37.62 8.43
N TRP A 88 28.44 -37.17 7.19
CA TRP A 88 29.54 -36.56 6.44
C TRP A 88 30.01 -35.26 7.12
N LEU A 89 29.04 -34.40 7.44
CA LEU A 89 29.32 -33.11 8.03
C LEU A 89 30.01 -33.23 9.41
N ASN A 90 29.57 -34.20 10.19
CA ASN A 90 30.22 -34.53 11.46
C ASN A 90 31.64 -35.01 11.24
N SER A 91 31.84 -35.87 10.24
CA SER A 91 33.18 -36.37 9.90
C SER A 91 34.14 -35.26 9.46
N ARG A 92 33.61 -34.15 8.95
CA ARG A 92 34.41 -32.98 8.58
C ARG A 92 34.46 -31.88 9.66
N SER A 93 33.97 -32.18 10.87
CA SER A 93 33.85 -31.20 11.96
C SER A 93 33.04 -29.96 11.59
N ILE A 94 32.02 -30.11 10.73
CA ILE A 94 31.08 -29.02 10.46
C ILE A 94 29.92 -29.19 11.48
N PRO A 95 29.66 -28.17 12.33
CA PRO A 95 28.56 -28.26 13.31
C PRO A 95 27.21 -28.63 12.68
N THR A 96 26.59 -29.70 13.18
CA THR A 96 25.26 -30.05 12.78
C THR A 96 24.26 -29.73 13.90
N TYR A 97 23.03 -29.37 13.51
CA TYR A 97 21.96 -29.05 14.46
C TYR A 97 20.72 -29.87 14.16
N ALA A 98 20.09 -30.39 15.20
CA ALA A 98 18.73 -30.89 15.09
C ALA A 98 18.02 -30.72 16.43
N SER A 99 16.69 -30.80 16.40
CA SER A 99 15.93 -30.69 17.64
C SER A 99 16.25 -31.91 18.50
N GLU A 100 15.99 -31.77 19.79
CA GLU A 100 16.16 -32.85 20.76
C GLU A 100 15.27 -34.04 20.39
N LEU A 101 14.07 -33.78 19.89
CA LEU A 101 13.17 -34.86 19.42
C LEU A 101 13.67 -35.54 18.16
N THR A 102 14.31 -34.76 17.28
CA THR A 102 14.88 -35.28 16.02
C THR A 102 16.06 -36.21 16.38
N ASN A 103 16.98 -35.75 17.22
CA ASN A 103 18.09 -36.60 17.65
C ASN A 103 17.66 -37.88 18.35
N GLU A 104 16.61 -37.80 19.15
CA GLU A 104 16.09 -38.99 19.81
C GLU A 104 15.56 -40.00 18.81
N LEU A 105 14.83 -39.54 17.79
CA LEU A 105 14.37 -40.43 16.70
C LEU A 105 15.51 -41.00 15.83
N LEU A 106 16.54 -40.21 15.56
CA LEU A 106 17.76 -40.69 14.93
C LEU A 106 18.43 -41.79 15.80
N LYS A 107 18.68 -41.49 17.08
CA LYS A 107 19.35 -42.42 18.01
C LYS A 107 18.62 -43.75 18.07
N LYS A 108 17.31 -43.68 18.24
CA LYS A 108 16.47 -44.85 18.30
C LYS A 108 16.51 -45.67 17.02
N ASP A 109 16.68 -45.01 15.87
CA ASP A 109 16.70 -45.68 14.57
C ASP A 109 18.12 -46.11 14.12
N GLY A 110 19.10 -46.02 15.00
CA GLY A 110 20.47 -46.39 14.65
C GLY A 110 21.18 -45.42 13.72
N LYS A 111 20.85 -44.12 13.80
CA LYS A 111 21.45 -43.12 12.93
C LYS A 111 22.32 -42.16 13.70
N VAL A 112 23.33 -41.66 13.03
CA VAL A 112 24.21 -40.65 13.61
C VAL A 112 23.42 -39.36 13.88
N GLN A 113 23.68 -38.78 15.05
CA GLN A 113 22.91 -37.65 15.55
C GLN A 113 23.59 -36.33 15.21
N ALA A 114 22.81 -35.28 15.16
CA ALA A 114 23.37 -33.94 15.12
C ALA A 114 24.23 -33.69 16.37
N THR A 115 25.32 -32.94 16.20
CA THR A 115 26.25 -32.65 17.28
C THR A 115 25.64 -31.67 18.30
N ASN A 116 24.80 -30.74 17.83
CA ASN A 116 24.12 -29.79 18.69
C ASN A 116 22.62 -30.04 18.66
N SER A 117 21.96 -29.75 19.78
CA SER A 117 20.51 -29.78 19.80
C SER A 117 19.90 -28.61 20.55
N PHE A 118 18.58 -28.49 20.39
CA PHE A 118 17.79 -27.40 20.94
C PHE A 118 16.40 -27.96 21.18
N SER A 119 15.60 -27.20 21.92
CA SER A 119 14.18 -27.51 22.10
C SER A 119 13.41 -26.20 22.27
N GLY A 120 12.12 -26.33 22.51
CA GLY A 120 11.27 -25.16 22.70
C GLY A 120 10.51 -24.85 21.42
N VAL A 121 9.66 -23.83 21.49
CA VAL A 121 8.82 -23.40 20.38
C VAL A 121 9.69 -22.74 19.31
N ASN A 122 10.54 -21.80 19.74
CA ASN A 122 11.42 -21.02 18.87
C ASN A 122 12.89 -21.21 19.26
N TYR A 123 13.76 -21.37 18.26
CA TYR A 123 15.21 -21.41 18.49
C TYR A 123 15.92 -20.59 17.42
N TRP A 124 16.75 -19.64 17.86
CA TRP A 124 17.57 -18.85 16.95
C TRP A 124 18.84 -19.62 16.65
N LEU A 125 18.98 -20.11 15.43
CA LEU A 125 20.24 -20.69 14.98
C LEU A 125 21.27 -19.57 14.80
N VAL A 126 20.85 -18.52 14.09
CA VAL A 126 21.56 -17.24 14.01
C VAL A 126 20.56 -16.18 14.44
N LYS A 127 20.91 -15.39 15.46
CA LYS A 127 20.00 -14.36 15.98
C LYS A 127 19.60 -13.34 14.91
N ASN A 128 18.29 -13.09 14.79
CA ASN A 128 17.69 -12.19 13.78
C ASN A 128 17.77 -12.62 12.31
N LYS A 129 18.38 -13.77 12.02
CA LYS A 129 18.61 -14.21 10.63
C LYS A 129 18.00 -15.57 10.30
N ILE A 130 18.14 -16.55 11.19
CA ILE A 130 17.65 -17.93 10.94
C ILE A 130 16.94 -18.41 12.20
N GLU A 131 15.63 -18.50 12.15
CA GLU A 131 14.82 -18.93 13.28
C GLU A 131 14.27 -20.32 12.98
N VAL A 132 14.29 -21.19 13.99
CA VAL A 132 13.67 -22.51 13.92
C VAL A 132 12.39 -22.51 14.77
N PHE A 133 11.29 -22.95 14.18
CA PHE A 133 10.00 -22.95 14.84
C PHE A 133 9.45 -24.38 14.82
N TYR A 134 8.89 -24.80 15.95
CA TYR A 134 8.27 -26.13 16.09
C TYR A 134 6.76 -25.93 16.12
N PRO A 135 6.08 -26.24 15.01
CA PRO A 135 4.63 -26.08 15.00
C PRO A 135 3.88 -27.15 15.80
N GLY A 136 4.54 -28.27 16.11
CA GLY A 136 3.88 -29.47 16.68
C GLY A 136 3.98 -30.63 15.72
N PRO A 137 3.55 -31.83 16.16
CA PRO A 137 3.61 -32.98 15.26
C PRO A 137 2.76 -32.81 14.00
N GLY A 138 3.24 -33.35 12.89
CA GLY A 138 2.47 -33.38 11.66
C GLY A 138 2.93 -34.52 10.76
N HIS A 139 3.82 -34.17 9.83
CA HIS A 139 4.46 -35.16 8.95
C HIS A 139 5.23 -36.22 9.76
N THR A 140 6.01 -35.74 10.73
CA THR A 140 6.67 -36.58 11.71
C THR A 140 6.46 -35.97 13.10
N PRO A 141 6.86 -36.68 14.16
CA PRO A 141 6.64 -36.13 15.49
C PRO A 141 7.49 -34.89 15.79
N ASP A 142 8.62 -34.79 15.10
CA ASP A 142 9.68 -33.80 15.37
C ASP A 142 9.77 -32.64 14.35
N ASN A 143 8.90 -32.62 13.34
CA ASN A 143 9.10 -31.68 12.23
C ASN A 143 9.17 -30.22 12.67
N VAL A 144 10.24 -29.54 12.25
CA VAL A 144 10.37 -28.10 12.45
C VAL A 144 10.46 -27.40 11.10
N VAL A 145 10.35 -26.08 11.15
CA VAL A 145 10.44 -25.25 9.99
C VAL A 145 11.48 -24.19 10.28
N VAL A 146 11.92 -23.50 9.22
CA VAL A 146 13.01 -22.52 9.35
C VAL A 146 12.55 -21.22 8.66
N TRP A 147 12.67 -20.12 9.39
CA TRP A 147 12.17 -18.83 8.99
C TRP A 147 13.36 -17.87 8.86
N LEU A 148 13.37 -17.16 7.75
CA LEU A 148 14.41 -16.20 7.42
C LEU A 148 13.72 -14.83 7.46
N PRO A 149 13.73 -14.15 8.64
CA PRO A 149 12.96 -12.92 8.81
C PRO A 149 13.32 -11.77 7.87
N GLU A 150 14.58 -11.72 7.41
CA GLU A 150 15.02 -10.61 6.54
C GLU A 150 14.44 -10.72 5.15
N ARG A 151 14.19 -11.94 4.68
CA ARG A 151 13.64 -12.18 3.34
C ARG A 151 12.17 -12.59 3.34
N LYS A 152 11.60 -12.80 4.53
CA LYS A 152 10.25 -13.38 4.68
C LYS A 152 10.12 -14.74 3.96
N ILE A 153 11.16 -15.56 4.10
CA ILE A 153 11.18 -16.89 3.49
C ILE A 153 11.04 -17.93 4.59
N LEU A 154 10.08 -18.84 4.39
CA LEU A 154 9.84 -19.97 5.27
C LEU A 154 10.23 -21.23 4.55
N PHE A 155 11.20 -21.96 5.09
CA PHE A 155 11.42 -23.32 4.67
C PHE A 155 10.51 -24.22 5.49
N GLY A 156 9.57 -24.87 4.83
CA GLY A 156 8.56 -25.68 5.49
C GLY A 156 8.85 -27.15 5.51
N GLY A 157 9.87 -27.58 4.75
CA GLY A 157 10.29 -28.96 4.73
C GLY A 157 9.15 -29.88 4.38
N CYS A 158 9.10 -31.04 5.02
CA CYS A 158 8.10 -32.05 4.68
C CYS A 158 6.76 -31.86 5.41
N PHE A 159 6.67 -30.81 6.24
CA PHE A 159 5.40 -30.39 6.86
C PHE A 159 4.42 -29.73 5.88
N ILE A 160 4.96 -28.92 4.96
CA ILE A 160 4.16 -28.20 3.96
C ILE A 160 3.86 -29.15 2.81
N LYS A 161 2.58 -29.49 2.69
CA LYS A 161 2.12 -30.54 1.82
C LYS A 161 0.84 -30.07 1.14
N PRO A 162 0.97 -29.07 0.26
CA PRO A 162 -0.23 -28.40 -0.27
C PRO A 162 -1.11 -29.24 -1.19
N TYR A 163 -0.58 -30.30 -1.76
CA TYR A 163 -1.27 -31.12 -2.76
C TYR A 163 -1.60 -32.53 -2.26
N GLY A 164 -1.30 -32.81 -1.00
CA GLY A 164 -1.41 -34.17 -0.47
C GLY A 164 -0.34 -34.39 0.58
N LEU A 165 -0.69 -35.13 1.62
CA LEU A 165 0.15 -35.26 2.80
C LEU A 165 1.44 -36.08 2.60
N GLY A 166 1.44 -36.97 1.62
CA GLY A 166 2.62 -37.76 1.28
C GLY A 166 2.77 -39.00 2.17
N ASN A 167 4.01 -39.32 2.53
CA ASN A 167 4.30 -40.50 3.36
C ASN A 167 3.75 -40.38 4.78
N LEU A 168 2.76 -41.21 5.11
CA LEU A 168 2.08 -41.15 6.41
C LEU A 168 2.70 -42.02 7.50
N GLY A 169 3.73 -42.79 7.15
CA GLY A 169 4.33 -43.78 8.05
C GLY A 169 4.59 -43.31 9.46
N ASP A 170 5.25 -42.16 9.59
CA ASP A 170 5.59 -41.58 10.90
C ASP A 170 4.76 -40.33 11.26
N ALA A 171 3.61 -40.17 10.61
CA ALA A 171 2.79 -38.98 10.74
C ALA A 171 1.79 -39.06 11.90
N ASN A 172 1.45 -37.88 12.42
CA ASN A 172 0.47 -37.70 13.50
C ASN A 172 -0.69 -36.95 12.91
N ILE A 173 -1.60 -37.71 12.31
CA ILE A 173 -2.74 -37.16 11.59
C ILE A 173 -3.73 -36.45 12.54
N GLU A 174 -3.76 -36.90 13.79
CA GLU A 174 -4.60 -36.27 14.82
C GLU A 174 -4.10 -34.87 15.19
N ALA A 175 -2.78 -34.70 15.23
CA ALA A 175 -2.15 -33.43 15.63
C ALA A 175 -1.95 -32.40 14.49
N TRP A 176 -1.89 -32.87 13.24
CA TRP A 176 -1.39 -32.07 12.11
C TRP A 176 -2.23 -30.82 11.86
N PRO A 177 -3.59 -30.98 11.88
CA PRO A 177 -4.44 -29.78 11.75
C PRO A 177 -4.10 -28.66 12.74
N LYS A 178 -3.93 -29.02 14.01
CA LYS A 178 -3.62 -28.02 15.03
C LYS A 178 -2.24 -27.42 14.80
N SER A 179 -1.27 -28.26 14.41
CA SER A 179 0.06 -27.79 14.08
C SER A 179 0.04 -26.87 12.86
N ALA A 180 -0.68 -27.29 11.82
CA ALA A 180 -0.85 -26.51 10.61
C ALA A 180 -1.55 -25.19 10.85
N LYS A 181 -2.55 -25.20 11.75
CA LYS A 181 -3.23 -23.96 12.17
C LYS A 181 -2.26 -22.99 12.84
N LEU A 182 -1.45 -23.49 13.77
CA LEU A 182 -0.47 -22.68 14.46
C LEU A 182 0.57 -22.10 13.49
N LEU A 183 1.02 -22.92 12.53
CA LEU A 183 2.04 -22.47 11.55
C LEU A 183 1.51 -21.31 10.71
N LYS A 184 0.29 -21.48 10.20
CA LYS A 184 -0.38 -20.44 9.39
C LYS A 184 -0.48 -19.13 10.14
N SER A 185 -0.95 -19.18 11.38
CA SER A 185 -1.08 -17.96 12.20
C SER A 185 0.28 -17.31 12.53
N LYS A 186 1.32 -18.12 12.68
CA LYS A 186 2.66 -17.61 12.96
C LYS A 186 3.30 -16.91 11.75
N TYR A 187 3.18 -17.52 10.56
CA TYR A 187 3.92 -17.10 9.36
C TYR A 187 3.03 -16.77 8.13
N GLY A 188 1.82 -16.24 8.35
CA GLY A 188 0.98 -15.77 7.24
C GLY A 188 1.59 -14.56 6.51
N LYS A 189 2.47 -13.85 7.19
CA LYS A 189 3.35 -12.82 6.61
C LYS A 189 4.43 -13.33 5.61
N ALA A 190 4.63 -14.65 5.51
CA ALA A 190 5.62 -15.22 4.60
C ALA A 190 5.42 -14.75 3.16
N LYS A 191 6.51 -14.39 2.51
CA LYS A 191 6.54 -14.01 1.11
C LYS A 191 6.74 -15.26 0.26
N LEU A 192 7.69 -16.11 0.66
CA LEU A 192 7.93 -17.39 -0.01
C LEU A 192 7.90 -18.53 0.98
N VAL A 193 7.25 -19.63 0.59
CA VAL A 193 7.18 -20.87 1.35
C VAL A 193 7.78 -21.95 0.47
N VAL A 194 8.83 -22.58 1.00
CA VAL A 194 9.62 -23.57 0.26
C VAL A 194 9.33 -24.96 0.84
N PRO A 195 8.50 -25.75 0.15
CA PRO A 195 8.32 -27.15 0.56
C PRO A 195 9.46 -28.07 0.11
N SER A 196 9.48 -29.26 0.70
CA SER A 196 10.49 -30.28 0.37
C SER A 196 10.34 -30.86 -1.04
N HIS A 197 9.11 -31.15 -1.45
CA HIS A 197 8.88 -31.96 -2.66
C HIS A 197 7.97 -31.33 -3.71
N SER A 198 7.72 -30.04 -3.61
CA SER A 198 7.00 -29.33 -4.67
C SER A 198 7.60 -27.92 -4.77
N GLU A 199 7.05 -27.13 -5.68
CA GLU A 199 7.66 -25.89 -6.12
C GLU A 199 7.45 -24.82 -5.06
N VAL A 200 8.32 -23.80 -5.08
CA VAL A 200 8.20 -22.67 -4.18
C VAL A 200 6.84 -21.98 -4.41
N GLY A 201 6.22 -21.54 -3.32
CA GLY A 201 4.95 -20.84 -3.40
C GLY A 201 4.93 -19.67 -2.45
N ASP A 202 3.74 -19.08 -2.29
CA ASP A 202 3.50 -17.98 -1.38
C ASP A 202 2.79 -18.50 -0.11
N ALA A 203 2.34 -17.59 0.75
CA ALA A 203 1.68 -17.96 2.00
C ALA A 203 0.45 -18.86 1.85
N SER A 204 -0.14 -18.95 0.65
CA SER A 204 -1.28 -19.87 0.41
C SER A 204 -0.98 -21.35 0.67
N LEU A 205 0.29 -21.74 0.53
CA LEU A 205 0.71 -23.14 0.80
C LEU A 205 0.41 -23.55 2.25
N LEU A 206 0.46 -22.57 3.16
CA LEU A 206 0.12 -22.77 4.56
C LEU A 206 -1.34 -23.13 4.74
N LYS A 207 -2.22 -22.40 4.04
CA LYS A 207 -3.66 -22.71 4.06
C LYS A 207 -3.94 -24.05 3.39
N LEU A 208 -3.31 -24.29 2.24
CA LEU A 208 -3.49 -25.55 1.53
C LEU A 208 -3.05 -26.75 2.36
N THR A 209 -1.94 -26.60 3.08
CA THR A 209 -1.46 -27.63 4.00
C THR A 209 -2.48 -27.92 5.11
N LEU A 210 -2.97 -26.86 5.76
CA LEU A 210 -4.01 -26.98 6.79
C LEU A 210 -5.22 -27.72 6.24
N GLU A 211 -5.66 -27.33 5.05
CA GLU A 211 -6.77 -28.01 4.38
C GLU A 211 -6.47 -29.48 4.14
N GLN A 212 -5.26 -29.80 3.69
CA GLN A 212 -4.91 -31.20 3.45
C GLN A 212 -4.86 -32.00 4.73
N ALA A 213 -4.31 -31.40 5.79
CA ALA A 213 -4.27 -32.03 7.12
C ALA A 213 -5.68 -32.33 7.68
N VAL A 214 -6.58 -31.36 7.56
CA VAL A 214 -7.97 -31.52 7.99
C VAL A 214 -8.62 -32.69 7.24
N LYS A 215 -8.51 -32.68 5.91
CA LYS A 215 -9.09 -33.72 5.07
C LYS A 215 -8.56 -35.11 5.43
N GLY A 216 -7.25 -35.20 5.64
CA GLY A 216 -6.62 -36.47 6.00
C GLY A 216 -7.11 -37.01 7.33
N LEU A 217 -7.28 -36.12 8.31
CA LEU A 217 -7.81 -36.50 9.62
C LEU A 217 -9.24 -37.05 9.49
N ASN A 218 -10.11 -36.30 8.81
CA ASN A 218 -11.50 -36.72 8.60
C ASN A 218 -11.64 -38.13 8.00
N GLU A 219 -10.83 -38.46 6.99
CA GLU A 219 -10.86 -39.81 6.39
C GLU A 219 -9.87 -40.80 7.05
N SER A 220 -10.09 -41.06 8.34
CA SER A 220 -9.29 -42.04 9.09
C SER A 220 -10.02 -42.50 10.36
N SER B 3 -10.80 41.69 24.52
CA SER B 3 -11.76 40.53 24.54
C SER B 3 -11.34 39.43 23.54
N LEU B 4 -10.24 38.74 23.85
CA LEU B 4 -9.68 37.74 22.94
C LEU B 4 -10.57 36.49 22.86
N PRO B 5 -10.55 35.77 21.72
CA PRO B 5 -11.28 34.51 21.66
C PRO B 5 -10.73 33.45 22.60
N ASP B 6 -11.59 32.51 22.98
CA ASP B 6 -11.24 31.48 23.96
C ASP B 6 -10.29 30.45 23.38
N LEU B 7 -9.40 29.95 24.23
CA LEU B 7 -8.60 28.76 23.95
C LEU B 7 -9.52 27.67 23.45
N LYS B 8 -9.16 27.00 22.36
CA LYS B 8 -9.95 25.86 21.91
C LYS B 8 -9.07 24.61 21.77
N ILE B 9 -9.66 23.47 22.08
CA ILE B 9 -8.99 22.20 22.07
C ILE B 9 -9.87 21.23 21.29
N GLU B 10 -9.29 20.58 20.27
CA GLU B 10 -10.05 19.82 19.30
C GLU B 10 -9.25 18.63 18.84
N LYS B 11 -9.87 17.45 18.90
CA LYS B 11 -9.22 16.22 18.52
C LYS B 11 -8.93 16.25 17.02
N LEU B 12 -7.70 15.91 16.65
CA LEU B 12 -7.29 15.80 15.26
C LEU B 12 -7.30 14.37 14.77
N ASP B 13 -6.85 13.46 15.62
CA ASP B 13 -6.66 12.07 15.26
C ASP B 13 -6.49 11.31 16.57
N GLU B 14 -6.41 9.99 16.51
CA GLU B 14 -6.15 9.16 17.70
C GLU B 14 -4.96 9.69 18.52
N GLY B 15 -5.25 10.15 19.75
CA GLY B 15 -4.24 10.64 20.67
C GLY B 15 -3.51 11.90 20.23
N VAL B 16 -4.15 12.72 19.38
CA VAL B 16 -3.57 13.99 18.95
C VAL B 16 -4.65 15.07 18.91
N TYR B 17 -4.39 16.16 19.64
CA TYR B 17 -5.29 17.28 19.71
C TYR B 17 -4.57 18.52 19.22
N VAL B 18 -5.33 19.43 18.62
CA VAL B 18 -4.83 20.73 18.23
C VAL B 18 -5.37 21.70 19.27
N HIS B 19 -4.49 22.57 19.77
CA HIS B 19 -4.91 23.68 20.63
C HIS B 19 -4.70 25.01 19.90
N THR B 20 -5.66 25.91 20.06
CA THR B 20 -5.65 27.18 19.36
C THR B 20 -5.86 28.27 20.36
N SER B 21 -4.89 29.17 20.42
CA SER B 21 -4.92 30.31 21.32
C SER B 21 -4.76 31.53 20.44
N PHE B 22 -5.11 32.70 20.95
CA PHE B 22 -5.23 33.92 20.15
C PHE B 22 -4.57 35.09 20.81
N GLU B 23 -3.91 35.94 20.02
CA GLU B 23 -3.29 37.17 20.53
C GLU B 23 -3.52 38.34 19.59
N GLU B 24 -3.83 39.50 20.17
CA GLU B 24 -3.90 40.77 19.44
C GLU B 24 -2.47 41.16 19.10
N VAL B 25 -2.20 41.37 17.81
CA VAL B 25 -0.85 41.73 17.34
C VAL B 25 -0.97 42.72 16.18
N ASN B 26 -0.01 43.66 16.11
CA ASN B 26 -0.15 44.89 15.33
C ASN B 26 0.07 44.68 13.83
N GLY B 27 -0.92 45.04 13.02
CA GLY B 27 -0.91 44.79 11.58
C GLY B 27 -1.84 43.65 11.19
N TRP B 28 -1.76 42.55 11.94
CA TRP B 28 -2.53 41.32 11.64
C TRP B 28 -3.97 41.36 12.20
N GLY B 29 -4.18 42.08 13.32
CA GLY B 29 -5.41 41.96 14.12
C GLY B 29 -5.25 40.79 15.08
N VAL B 30 -6.31 40.02 15.28
CA VAL B 30 -6.26 38.82 16.13
C VAL B 30 -5.74 37.63 15.31
N VAL B 31 -4.73 36.94 15.85
CA VAL B 31 -3.97 35.89 15.16
C VAL B 31 -4.19 34.56 15.87
N PRO B 32 -4.80 33.56 15.19
CA PRO B 32 -4.86 32.23 15.78
C PRO B 32 -3.50 31.51 15.73
N LYS B 33 -3.12 30.84 16.81
CA LYS B 33 -1.93 30.03 16.87
C LYS B 33 -2.32 28.60 17.22
N HIS B 34 -1.91 27.66 16.38
CA HIS B 34 -2.17 26.25 16.57
C HIS B 34 -0.95 25.59 17.16
N GLY B 35 -1.18 24.72 18.15
CA GLY B 35 -0.18 23.76 18.64
C GLY B 35 -0.84 22.39 18.79
N LEU B 36 -0.07 21.40 19.22
CA LEU B 36 -0.64 20.07 19.50
C LEU B 36 -0.53 19.70 20.96
N VAL B 37 -1.36 18.72 21.35
CA VAL B 37 -1.14 17.92 22.54
C VAL B 37 -1.17 16.48 22.06
N VAL B 38 -0.14 15.73 22.43
CA VAL B 38 0.03 14.35 21.97
C VAL B 38 -0.04 13.44 23.19
N LEU B 39 -0.92 12.43 23.11
CA LEU B 39 -1.03 11.42 24.17
C LEU B 39 -0.12 10.24 23.89
N VAL B 40 0.75 9.94 24.85
CA VAL B 40 1.56 8.74 24.86
C VAL B 40 0.97 7.94 26.03
N ASN B 41 -0.13 7.24 25.71
CA ASN B 41 -0.95 6.48 26.67
C ASN B 41 -1.61 7.35 27.74
N ALA B 42 -1.20 7.24 29.01
CA ALA B 42 -1.79 8.05 30.07
C ALA B 42 -1.02 9.34 30.33
N GLU B 43 -0.07 9.69 29.47
CA GLU B 43 0.71 10.92 29.61
C GLU B 43 0.54 11.83 28.39
N ALA B 44 0.70 13.13 28.59
CA ALA B 44 0.41 14.12 27.55
C ALA B 44 1.61 15.01 27.33
N TYR B 45 1.87 15.33 26.06
CA TYR B 45 2.95 16.23 25.67
C TYR B 45 2.39 17.43 24.92
N LEU B 46 2.85 18.61 25.32
CA LEU B 46 2.46 19.86 24.68
C LEU B 46 3.44 20.12 23.55
N ILE B 47 2.93 20.31 22.34
CA ILE B 47 3.75 20.70 21.21
C ILE B 47 3.39 22.16 20.95
N ASP B 48 4.33 23.02 21.32
CA ASP B 48 4.12 24.44 21.50
C ASP B 48 3.18 24.77 22.67
N THR B 49 3.41 25.93 23.27
CA THR B 49 2.54 26.42 24.33
C THR B 49 1.73 27.54 23.77
N PRO B 50 0.53 27.80 24.36
CA PRO B 50 -0.19 29.04 24.09
C PRO B 50 0.61 30.30 24.40
N PHE B 51 0.09 31.43 23.97
CA PHE B 51 0.73 32.73 24.20
C PHE B 51 0.88 33.06 25.68
N THR B 52 -0.10 32.70 26.51
CA THR B 52 -0.17 33.13 27.92
C THR B 52 -0.06 32.03 28.96
N ALA B 53 0.36 32.42 30.17
CA ALA B 53 0.29 31.59 31.36
C ALA B 53 -1.10 31.04 31.57
N LYS B 54 -2.08 31.95 31.51
CA LYS B 54 -3.48 31.61 31.70
C LYS B 54 -3.98 30.52 30.77
N ASP B 55 -3.76 30.70 29.47
CA ASP B 55 -4.17 29.67 28.50
C ASP B 55 -3.37 28.38 28.63
N THR B 56 -2.09 28.49 29.01
CA THR B 56 -1.27 27.30 29.28
C THR B 56 -1.85 26.49 30.43
N GLU B 57 -2.25 27.19 31.51
CA GLU B 57 -2.91 26.55 32.64
C GLU B 57 -4.22 25.86 32.25
N LYS B 58 -5.05 26.55 31.48
CA LYS B 58 -6.29 25.98 30.96
C LYS B 58 -6.06 24.71 30.14
N LEU B 59 -5.05 24.76 29.26
CA LEU B 59 -4.65 23.61 28.45
C LEU B 59 -4.22 22.43 29.33
N VAL B 60 -3.32 22.71 30.26
CA VAL B 60 -2.80 21.68 31.17
C VAL B 60 -3.95 21.04 31.98
N THR B 61 -4.80 21.91 32.55
CA THR B 61 -5.90 21.51 33.41
C THR B 61 -6.91 20.64 32.65
N TRP B 62 -7.25 21.03 31.43
CA TRP B 62 -8.13 20.24 30.56
C TRP B 62 -7.69 18.77 30.51
N PHE B 63 -6.40 18.56 30.25
CA PHE B 63 -5.87 17.21 30.15
C PHE B 63 -5.73 16.50 31.50
N VAL B 64 -5.22 17.22 32.50
CA VAL B 64 -5.07 16.68 33.87
C VAL B 64 -6.41 16.20 34.46
N GLU B 65 -7.48 16.97 34.25
CA GLU B 65 -8.81 16.60 34.71
C GLU B 65 -9.40 15.39 33.99
N ARG B 66 -8.92 15.12 32.78
CA ARG B 66 -9.33 13.93 32.00
C ARG B 66 -8.40 12.71 32.18
N GLY B 67 -7.47 12.77 33.13
CA GLY B 67 -6.66 11.60 33.54
C GLY B 67 -5.22 11.57 33.09
N TYR B 68 -4.76 12.64 32.41
CA TYR B 68 -3.45 12.64 31.75
C TYR B 68 -2.45 13.49 32.50
N LYS B 69 -1.31 12.89 32.86
CA LYS B 69 -0.21 13.60 33.49
C LYS B 69 0.54 14.33 32.38
N ILE B 70 0.81 15.63 32.57
CA ILE B 70 1.57 16.37 31.59
C ILE B 70 3.04 15.99 31.78
N LYS B 71 3.60 15.31 30.79
CA LYS B 71 4.97 14.78 30.86
C LYS B 71 5.99 15.84 30.49
N GLY B 72 5.65 16.67 29.51
CA GLY B 72 6.52 17.76 29.10
C GLY B 72 5.96 18.58 27.96
N SER B 73 6.64 19.67 27.63
CA SER B 73 6.28 20.48 26.46
C SER B 73 7.52 20.74 25.64
N ILE B 74 7.34 20.75 24.33
CA ILE B 74 8.39 21.19 23.40
C ILE B 74 7.94 22.46 22.71
N SER B 75 8.85 23.45 22.63
CA SER B 75 8.63 24.67 21.86
C SER B 75 9.39 24.59 20.54
N SER B 76 8.69 24.85 19.43
CA SER B 76 9.23 24.69 18.10
C SER B 76 10.10 25.87 17.65
N HIS B 77 9.96 27.01 18.30
CA HIS B 77 10.92 28.14 18.07
C HIS B 77 10.77 29.19 19.15
N PHE B 78 11.67 30.18 19.18
CA PHE B 78 11.73 31.08 20.32
C PHE B 78 10.61 32.09 20.49
N HIS B 79 9.88 32.41 19.44
CA HIS B 79 8.85 33.43 19.52
C HIS B 79 7.77 33.08 20.55
N SER B 80 7.11 34.12 21.07
CA SER B 80 6.14 33.92 22.17
C SER B 80 4.91 33.07 21.80
N ASP B 81 4.62 32.92 20.51
CA ASP B 81 3.53 32.03 20.09
C ASP B 81 3.82 30.53 20.29
N SER B 82 5.10 30.18 20.48
CA SER B 82 5.51 28.81 20.81
C SER B 82 6.01 28.65 22.24
N THR B 83 6.51 29.72 22.85
CA THR B 83 7.16 29.65 24.18
C THR B 83 6.45 30.40 25.31
N GLY B 84 5.29 30.99 25.05
CA GLY B 84 4.59 31.80 26.05
C GLY B 84 4.25 31.12 27.37
N GLY B 85 4.04 29.80 27.33
CA GLY B 85 3.72 29.00 28.50
C GLY B 85 4.91 28.45 29.30
N ILE B 86 6.15 28.64 28.83
CA ILE B 86 7.35 28.06 29.44
C ILE B 86 7.53 28.50 30.90
N GLU B 87 7.48 29.81 31.17
CA GLU B 87 7.51 30.29 32.57
C GLU B 87 6.52 29.54 33.46
N TRP B 88 5.28 29.47 33.01
CA TRP B 88 4.25 28.81 33.81
C TRP B 88 4.58 27.32 34.04
N LEU B 89 4.91 26.61 32.96
CA LEU B 89 5.21 25.19 33.07
C LEU B 89 6.43 24.92 33.98
N ASN B 90 7.45 25.75 33.84
CA ASN B 90 8.61 25.68 34.72
C ASN B 90 8.22 25.87 36.18
N SER B 91 7.33 26.83 36.42
CA SER B 91 6.86 27.13 37.77
C SER B 91 6.01 26.00 38.39
N ARG B 92 5.41 25.13 37.56
CA ARG B 92 4.77 23.89 38.06
C ARG B 92 5.67 22.67 38.00
N SER B 93 6.98 22.87 37.78
CA SER B 93 7.92 21.78 37.59
C SER B 93 7.53 20.75 36.50
N ILE B 94 6.87 21.22 35.43
CA ILE B 94 6.59 20.40 34.25
C ILE B 94 7.79 20.58 33.29
N PRO B 95 8.49 19.47 32.94
CA PRO B 95 9.63 19.57 32.02
C PRO B 95 9.34 20.30 30.71
N THR B 96 10.14 21.32 30.41
CA THR B 96 10.06 22.03 29.16
C THR B 96 11.29 21.69 28.30
N TYR B 97 11.06 21.59 26.99
CA TYR B 97 12.11 21.27 26.01
C TYR B 97 12.14 22.35 24.93
N ALA B 98 13.36 22.75 24.57
CA ALA B 98 13.58 23.55 23.37
C ALA B 98 14.97 23.25 22.84
N SER B 99 15.20 23.51 21.57
CA SER B 99 16.55 23.32 21.03
C SER B 99 17.52 24.25 21.75
N GLU B 100 18.80 23.91 21.63
CA GLU B 100 19.91 24.71 22.17
C GLU B 100 19.90 26.10 21.54
N LEU B 101 19.59 26.17 20.24
CA LEU B 101 19.47 27.45 19.52
C LEU B 101 18.31 28.30 20.02
N THR B 102 17.17 27.63 20.26
CA THR B 102 15.97 28.30 20.77
C THR B 102 16.28 28.89 22.16
N ASN B 103 16.85 28.09 23.05
CA ASN B 103 17.20 28.58 24.39
C ASN B 103 18.17 29.75 24.38
N GLU B 104 19.17 29.70 23.50
CA GLU B 104 20.10 30.82 23.32
C GLU B 104 19.41 32.08 22.85
N LEU B 105 18.46 31.96 21.92
CA LEU B 105 17.66 33.10 21.46
C LEU B 105 16.74 33.65 22.56
N LEU B 106 16.12 32.76 23.34
CA LEU B 106 15.35 33.15 24.53
C LEU B 106 16.20 33.91 25.56
N LYS B 107 17.36 33.36 25.91
CA LYS B 107 18.27 33.95 26.91
C LYS B 107 18.67 35.35 26.51
N LYS B 108 19.04 35.49 25.24
CA LYS B 108 19.45 36.76 24.69
C LYS B 108 18.35 37.81 24.71
N ASP B 109 17.09 37.39 24.55
CA ASP B 109 15.97 38.33 24.57
C ASP B 109 15.33 38.53 25.96
N GLY B 110 16.02 38.10 27.03
CA GLY B 110 15.51 38.26 28.38
C GLY B 110 14.33 37.35 28.71
N LYS B 111 14.29 36.15 28.13
CA LYS B 111 13.18 35.23 28.33
C LYS B 111 13.59 34.00 29.11
N VAL B 112 12.67 33.49 29.88
CA VAL B 112 12.89 32.24 30.60
C VAL B 112 13.11 31.10 29.58
N GLN B 113 14.13 30.30 29.83
CA GLN B 113 14.50 29.23 28.91
C GLN B 113 13.79 27.95 29.27
N ALA B 114 13.70 27.05 28.29
CA ALA B 114 13.28 25.68 28.56
C ALA B 114 14.30 25.04 29.52
N THR B 115 13.84 24.14 30.39
CA THR B 115 14.72 23.47 31.35
C THR B 115 15.62 22.39 30.69
N ASN B 116 15.15 21.78 29.61
CA ASN B 116 15.94 20.79 28.86
C ASN B 116 16.22 21.28 27.45
N SER B 117 17.40 20.97 26.91
CA SER B 117 17.68 21.25 25.50
C SER B 117 18.27 20.05 24.77
N PHE B 118 18.29 20.17 23.45
CA PHE B 118 18.76 19.12 22.58
C PHE B 118 19.35 19.81 21.38
N SER B 119 20.10 19.07 20.59
CA SER B 119 20.62 19.62 19.32
C SER B 119 20.70 18.51 18.29
N GLY B 120 21.18 18.84 17.10
CA GLY B 120 21.31 17.87 16.02
C GLY B 120 20.15 17.98 15.06
N VAL B 121 20.17 17.14 14.02
CA VAL B 121 19.18 17.16 12.96
C VAL B 121 17.90 16.47 13.45
N ASN B 122 18.08 15.31 14.12
CA ASN B 122 16.99 14.50 14.69
C ASN B 122 17.14 14.36 16.21
N TYR B 123 16.03 14.52 16.94
CA TYR B 123 15.98 14.30 18.38
C TYR B 123 14.67 13.60 18.77
N TRP B 124 14.78 12.43 19.40
CA TRP B 124 13.62 11.70 19.90
C TRP B 124 13.26 12.26 21.26
N LEU B 125 12.18 13.04 21.33
CA LEU B 125 11.61 13.45 22.60
C LEU B 125 11.03 12.22 23.29
N VAL B 126 10.28 11.43 22.53
CA VAL B 126 9.77 10.13 22.96
C VAL B 126 10.11 9.14 21.84
N LYS B 127 10.96 8.17 22.14
CA LYS B 127 11.43 7.16 21.17
C LYS B 127 10.27 6.52 20.41
N ASN B 128 10.36 6.53 19.09
CA ASN B 128 9.31 6.06 18.15
C ASN B 128 7.95 6.77 18.17
N LYS B 129 7.79 7.83 18.95
CA LYS B 129 6.48 8.50 19.06
C LYS B 129 6.48 10.01 18.76
N ILE B 130 7.51 10.72 19.23
CA ILE B 130 7.63 12.16 19.05
C ILE B 130 9.07 12.48 18.66
N GLU B 131 9.26 12.80 17.38
CA GLU B 131 10.55 13.16 16.81
C GLU B 131 10.56 14.64 16.52
N VAL B 132 11.68 15.27 16.84
CA VAL B 132 11.93 16.67 16.53
C VAL B 132 12.97 16.76 15.41
N PHE B 133 12.66 17.50 14.36
CA PHE B 133 13.55 17.64 13.21
C PHE B 133 13.88 19.12 12.97
N TYR B 134 15.16 19.40 12.69
CA TYR B 134 15.67 20.75 12.42
C TYR B 134 15.97 20.81 10.93
N PRO B 135 15.10 21.45 10.14
CA PRO B 135 15.35 21.53 8.71
C PRO B 135 16.44 22.55 8.36
N GLY B 136 16.80 23.43 9.31
CA GLY B 136 17.71 24.55 9.05
C GLY B 136 16.95 25.86 9.21
N PRO B 137 17.66 27.01 9.09
CA PRO B 137 16.99 28.30 9.28
C PRO B 137 15.88 28.58 8.26
N GLY B 138 14.85 29.29 8.68
CA GLY B 138 13.80 29.70 7.77
C GLY B 138 13.04 30.87 8.33
N HIS B 139 11.89 30.58 8.94
CA HIS B 139 11.12 31.60 9.64
C HIS B 139 11.94 32.27 10.75
N THR B 140 12.66 31.46 11.50
CA THR B 140 13.66 31.94 12.47
C THR B 140 14.91 31.07 12.33
N PRO B 141 16.01 31.45 13.01
CA PRO B 141 17.23 30.62 12.95
C PRO B 141 17.08 29.21 13.53
N ASP B 142 16.14 29.04 14.45
CA ASP B 142 16.04 27.92 15.33
C ASP B 142 14.84 26.99 15.05
N ASN B 143 14.04 27.33 14.04
CA ASN B 143 12.76 26.66 13.85
C ASN B 143 12.91 25.14 13.70
N VAL B 144 12.12 24.40 14.47
CA VAL B 144 12.06 22.93 14.34
C VAL B 144 10.62 22.52 14.11
N VAL B 145 10.48 21.27 13.71
CA VAL B 145 9.18 20.67 13.43
C VAL B 145 9.11 19.41 14.27
N VAL B 146 7.90 18.89 14.44
CA VAL B 146 7.67 17.74 15.30
C VAL B 146 6.83 16.75 14.51
N TRP B 147 7.33 15.52 14.46
CA TRP B 147 6.79 14.47 13.62
C TRP B 147 6.28 13.36 14.52
N LEU B 148 5.10 12.86 14.19
CA LEU B 148 4.44 11.82 14.97
C LEU B 148 4.34 10.62 14.03
N PRO B 149 5.35 9.70 14.08
CA PRO B 149 5.43 8.57 13.12
C PRO B 149 4.21 7.65 13.08
N GLU B 150 3.56 7.44 14.23
CA GLU B 150 2.41 6.53 14.29
C GLU B 150 1.19 7.06 13.53
N ARG B 151 1.03 8.39 13.47
CA ARG B 151 -0.09 9.01 12.76
C ARG B 151 0.31 9.68 11.43
N LYS B 152 1.61 9.72 11.14
CA LYS B 152 2.13 10.48 10.00
C LYS B 152 1.66 11.95 10.04
N ILE B 153 1.72 12.57 11.22
CA ILE B 153 1.34 13.96 11.41
C ILE B 153 2.60 14.79 11.65
N LEU B 154 2.74 15.88 10.92
CA LEU B 154 3.86 16.80 11.07
C LEU B 154 3.33 18.11 11.61
N PHE B 155 3.78 18.52 12.80
CA PHE B 155 3.53 19.87 13.25
C PHE B 155 4.67 20.71 12.70
N GLY B 156 4.34 21.66 11.84
CA GLY B 156 5.35 22.44 11.15
C GLY B 156 5.59 23.80 11.74
N GLY B 157 4.71 24.19 12.67
CA GLY B 157 4.84 25.47 13.32
C GLY B 157 4.89 26.61 12.33
N CYS B 158 5.70 27.61 12.66
CA CYS B 158 5.74 28.81 11.86
C CYS B 158 6.67 28.69 10.64
N PHE B 159 7.29 27.53 10.44
CA PHE B 159 8.10 27.26 9.23
C PHE B 159 7.21 27.04 7.99
N ILE B 160 6.12 26.28 8.18
CA ILE B 160 5.15 25.99 7.13
C ILE B 160 4.30 27.23 6.93
N LYS B 161 4.42 27.81 5.75
CA LYS B 161 3.84 29.09 5.42
C LYS B 161 3.35 29.03 3.96
N PRO B 162 2.32 28.21 3.70
CA PRO B 162 1.94 27.89 2.33
C PRO B 162 1.35 29.05 1.52
N TYR B 163 0.87 30.09 2.19
CA TYR B 163 0.19 31.21 1.55
C TYR B 163 0.96 32.53 1.61
N GLY B 164 2.17 32.49 2.15
CA GLY B 164 2.97 33.71 2.36
C GLY B 164 3.79 33.58 3.63
N LEU B 165 4.99 34.15 3.61
CA LEU B 165 5.99 33.83 4.63
C LEU B 165 5.74 34.44 6.01
N GLY B 166 4.87 35.45 6.09
CA GLY B 166 4.53 36.08 7.36
C GLY B 166 5.63 37.03 7.86
N ASN B 167 5.83 37.04 9.17
CA ASN B 167 6.81 37.93 9.82
C ASN B 167 8.26 37.58 9.43
N LEU B 168 8.91 38.45 8.66
CA LEU B 168 10.29 38.22 8.21
C LEU B 168 11.34 38.80 9.15
N GLY B 169 10.93 39.35 10.29
CA GLY B 169 11.83 40.06 11.20
C GLY B 169 13.05 39.26 11.63
N ASP B 170 12.83 37.98 11.94
CA ASP B 170 13.92 37.09 12.38
C ASP B 170 14.22 35.99 11.36
N ALA B 171 13.69 36.13 10.14
CA ALA B 171 13.82 35.11 9.10
C ALA B 171 15.14 35.17 8.34
N ASN B 172 15.52 34.01 7.80
CA ASN B 172 16.73 33.82 7.01
C ASN B 172 16.22 33.43 5.65
N ILE B 173 15.97 34.45 4.84
CA ILE B 173 15.37 34.26 3.51
C ILE B 173 16.35 33.58 2.54
N GLU B 174 17.65 33.74 2.79
CA GLU B 174 18.69 33.06 2.00
C GLU B 174 18.65 31.54 2.22
N ALA B 175 18.47 31.11 3.47
CA ALA B 175 18.53 29.70 3.86
C ALA B 175 17.22 28.90 3.71
N TRP B 176 16.08 29.60 3.78
CA TRP B 176 14.74 28.97 3.89
C TRP B 176 14.45 27.99 2.76
N PRO B 177 14.80 28.37 1.51
CA PRO B 177 14.55 27.44 0.39
C PRO B 177 15.26 26.10 0.53
N LYS B 178 16.52 26.12 0.96
CA LYS B 178 17.26 24.88 1.26
C LYS B 178 16.62 24.10 2.40
N SER B 179 16.19 24.82 3.43
CA SER B 179 15.55 24.19 4.58
C SER B 179 14.22 23.56 4.18
N ALA B 180 13.43 24.30 3.39
CA ALA B 180 12.14 23.84 2.92
C ALA B 180 12.29 22.66 1.98
N LYS B 181 13.34 22.70 1.16
CA LYS B 181 13.69 21.56 0.30
C LYS B 181 14.00 20.32 1.13
N LEU B 182 14.85 20.47 2.15
CA LEU B 182 15.19 19.36 3.06
C LEU B 182 13.95 18.81 3.78
N LEU B 183 13.08 19.69 4.28
CA LEU B 183 11.85 19.27 4.98
C LEU B 183 10.95 18.43 4.09
N LYS B 184 10.71 18.92 2.87
CA LYS B 184 9.86 18.24 1.89
C LYS B 184 10.37 16.83 1.60
N SER B 185 11.69 16.68 1.44
CA SER B 185 12.29 15.36 1.21
C SER B 185 12.08 14.42 2.38
N LYS B 186 12.29 14.95 3.59
CA LYS B 186 12.21 14.16 4.82
C LYS B 186 10.80 13.63 5.11
N TYR B 187 9.78 14.46 4.86
CA TYR B 187 8.41 14.18 5.31
C TYR B 187 7.37 14.29 4.19
N GLY B 188 7.73 13.89 2.97
CA GLY B 188 6.76 13.79 1.87
C GLY B 188 5.71 12.73 2.17
N LYS B 189 6.08 11.76 2.99
CA LYS B 189 5.16 10.74 3.53
C LYS B 189 4.07 11.24 4.50
N ALA B 190 4.12 12.50 4.92
CA ALA B 190 3.19 13.06 5.90
C ALA B 190 1.75 12.97 5.41
N LYS B 191 0.87 12.53 6.29
CA LYS B 191 -0.56 12.43 5.99
C LYS B 191 -1.18 13.79 6.28
N LEU B 192 -0.87 14.35 7.46
CA LEU B 192 -1.36 15.68 7.84
C LEU B 192 -0.20 16.61 8.21
N VAL B 193 -0.27 17.85 7.75
CA VAL B 193 0.68 18.90 8.08
C VAL B 193 -0.08 20.01 8.76
N VAL B 194 0.35 20.36 9.98
CA VAL B 194 -0.32 21.31 10.85
C VAL B 194 0.56 22.58 10.95
N PRO B 195 0.18 23.67 10.26
CA PRO B 195 0.92 24.93 10.44
C PRO B 195 0.45 25.70 11.65
N SER B 196 1.26 26.68 12.08
CA SER B 196 0.91 27.54 13.21
C SER B 196 -0.35 28.39 12.99
N HIS B 197 -0.44 29.02 11.81
CA HIS B 197 -1.38 30.13 11.59
C HIS B 197 -2.37 29.95 10.44
N SER B 198 -2.53 28.73 9.95
CA SER B 198 -3.52 28.43 8.93
C SER B 198 -3.95 26.97 9.11
N GLU B 199 -4.87 26.51 8.26
CA GLU B 199 -5.60 25.27 8.47
C GLU B 199 -4.74 24.04 8.21
N VAL B 200 -5.12 22.94 8.85
CA VAL B 200 -4.48 21.65 8.66
C VAL B 200 -4.61 21.26 7.17
N GLY B 201 -3.51 20.82 6.58
CA GLY B 201 -3.51 20.32 5.20
C GLY B 201 -2.74 19.02 5.10
N ASP B 202 -2.47 18.60 3.87
CA ASP B 202 -1.68 17.39 3.60
C ASP B 202 -0.26 17.80 3.19
N ALA B 203 0.55 16.83 2.75
CA ALA B 203 1.93 17.06 2.34
C ALA B 203 2.14 18.19 1.33
N SER B 204 1.10 18.54 0.56
CA SER B 204 1.15 19.67 -0.38
C SER B 204 1.62 20.98 0.25
N LEU B 205 1.35 21.18 1.55
CA LEU B 205 1.81 22.38 2.27
C LEU B 205 3.32 22.53 2.30
N LEU B 206 4.03 21.40 2.24
CA LEU B 206 5.49 21.38 2.17
C LEU B 206 5.98 22.00 0.86
N LYS B 207 5.34 21.61 -0.25
CA LYS B 207 5.65 22.15 -1.57
C LYS B 207 5.31 23.65 -1.66
N LEU B 208 4.12 24.00 -1.21
CA LEU B 208 3.71 25.40 -1.18
C LEU B 208 4.65 26.25 -0.35
N THR B 209 5.15 25.72 0.76
CA THR B 209 6.12 26.44 1.59
C THR B 209 7.44 26.66 0.85
N LEU B 210 7.96 25.62 0.22
CA LEU B 210 9.17 25.74 -0.63
C LEU B 210 9.00 26.81 -1.68
N GLU B 211 7.88 26.74 -2.40
CA GLU B 211 7.55 27.76 -3.40
C GLU B 211 7.52 29.18 -2.82
N GLN B 212 6.85 29.36 -1.69
CA GLN B 212 6.81 30.68 -1.06
C GLN B 212 8.19 31.14 -0.64
N ALA B 213 9.01 30.23 -0.10
CA ALA B 213 10.40 30.55 0.26
C ALA B 213 11.26 30.98 -0.96
N VAL B 214 11.15 30.24 -2.05
CA VAL B 214 11.90 30.56 -3.28
C VAL B 214 11.49 31.95 -3.78
N LYS B 215 10.18 32.18 -3.90
CA LYS B 215 9.65 33.47 -4.33
C LYS B 215 10.15 34.61 -3.45
N GLY B 216 10.18 34.39 -2.15
CA GLY B 216 10.68 35.39 -1.21
C GLY B 216 12.15 35.71 -1.36
N LEU B 217 12.96 34.69 -1.66
CA LEU B 217 14.40 34.90 -1.91
C LEU B 217 14.61 35.74 -3.17
N ASN B 218 13.92 35.36 -4.25
CA ASN B 218 13.95 36.11 -5.52
C ASN B 218 13.47 37.56 -5.35
N GLU B 219 12.33 37.71 -4.68
CA GLU B 219 11.76 39.03 -4.36
C GLU B 219 12.70 39.97 -3.59
N SER B 220 13.51 39.45 -2.67
CA SER B 220 14.37 40.27 -1.80
C SER B 220 15.52 40.93 -2.57
N SER C 3 1.36 30.09 -8.88
CA SER C 3 1.05 28.65 -8.62
C SER C 3 0.14 28.47 -7.38
N LEU C 4 -1.16 28.63 -7.59
CA LEU C 4 -2.14 28.69 -6.50
C LEU C 4 -2.52 27.32 -5.94
N PRO C 5 -2.89 27.28 -4.64
CA PRO C 5 -3.36 26.01 -4.09
C PRO C 5 -4.63 25.49 -4.76
N ASP C 6 -4.79 24.18 -4.79
CA ASP C 6 -5.92 23.53 -5.46
C ASP C 6 -7.23 23.82 -4.73
N LEU C 7 -8.31 23.92 -5.51
CA LEU C 7 -9.66 23.85 -5.00
C LEU C 7 -9.79 22.68 -4.04
N LYS C 8 -10.32 22.95 -2.84
CA LYS C 8 -10.56 21.94 -1.83
C LYS C 8 -12.06 21.81 -1.61
N ILE C 9 -12.54 20.56 -1.54
CA ILE C 9 -13.93 20.26 -1.28
C ILE C 9 -13.98 19.25 -0.13
N GLU C 10 -14.69 19.57 0.94
CA GLU C 10 -14.64 18.81 2.18
C GLU C 10 -15.97 18.83 2.94
N LYS C 11 -16.48 17.64 3.25
CA LYS C 11 -17.76 17.51 3.96
C LYS C 11 -17.70 18.18 5.35
N LEU C 12 -18.70 18.99 5.66
CA LEU C 12 -18.81 19.68 6.96
C LEU C 12 -19.80 18.98 7.87
N ASP C 13 -20.84 18.42 7.29
CA ASP C 13 -21.96 17.86 8.01
C ASP C 13 -22.73 17.14 6.92
N GLU C 14 -23.79 16.46 7.30
CA GLU C 14 -24.60 15.73 6.33
C GLU C 14 -25.22 16.67 5.29
N GLY C 15 -24.96 16.39 4.02
CA GLY C 15 -25.45 17.20 2.90
C GLY C 15 -24.83 18.60 2.76
N VAL C 16 -23.70 18.84 3.43
CA VAL C 16 -23.10 20.18 3.45
C VAL C 16 -21.60 20.08 3.30
N TYR C 17 -21.06 20.68 2.24
CA TYR C 17 -19.66 20.64 1.94
C TYR C 17 -19.10 22.05 1.97
N VAL C 18 -17.85 22.19 2.39
CA VAL C 18 -17.15 23.48 2.30
C VAL C 18 -16.19 23.42 1.13
N HIS C 19 -16.28 24.40 0.23
CA HIS C 19 -15.32 24.52 -0.87
C HIS C 19 -14.38 25.68 -0.58
N THR C 20 -13.10 25.45 -0.86
CA THR C 20 -12.10 26.46 -0.59
C THR C 20 -11.31 26.71 -1.86
N SER C 21 -11.23 27.98 -2.22
CA SER C 21 -10.54 28.38 -3.42
C SER C 21 -9.65 29.52 -2.99
N PHE C 22 -8.60 29.76 -3.76
CA PHE C 22 -7.51 30.63 -3.34
C PHE C 22 -7.14 31.64 -4.41
N GLU C 23 -6.86 32.87 -3.99
CA GLU C 23 -6.41 33.92 -4.91
C GLU C 23 -5.35 34.81 -4.24
N GLU C 24 -4.33 35.19 -5.01
CA GLU C 24 -3.36 36.21 -4.61
C GLU C 24 -4.05 37.56 -4.53
N VAL C 25 -3.97 38.21 -3.37
CA VAL C 25 -4.60 39.50 -3.11
C VAL C 25 -3.61 40.34 -2.30
N ASN C 26 -3.24 41.51 -2.82
CA ASN C 26 -2.20 42.35 -2.19
C ASN C 26 -2.77 43.35 -1.16
N GLY C 27 -2.17 43.51 0.03
CA GLY C 27 -0.96 42.81 0.49
C GLY C 27 -1.22 41.64 1.43
N TRP C 28 -2.33 40.93 1.22
CA TRP C 28 -2.71 39.80 2.09
C TRP C 28 -1.85 38.55 1.84
N GLY C 29 -1.36 38.38 0.60
CA GLY C 29 -0.77 37.12 0.14
C GLY C 29 -1.88 36.26 -0.46
N VAL C 30 -1.67 34.95 -0.51
CA VAL C 30 -2.72 34.03 -0.95
C VAL C 30 -3.78 33.91 0.16
N VAL C 31 -5.04 34.23 -0.16
CA VAL C 31 -6.13 34.17 0.80
C VAL C 31 -7.13 33.07 0.43
N PRO C 32 -7.45 32.18 1.38
CA PRO C 32 -8.48 31.18 1.12
C PRO C 32 -9.87 31.81 1.22
N LYS C 33 -10.81 31.29 0.44
CA LYS C 33 -12.19 31.73 0.45
C LYS C 33 -13.05 30.50 0.58
N HIS C 34 -13.87 30.45 1.64
CA HIS C 34 -14.78 29.34 1.86
C HIS C 34 -16.17 29.67 1.37
N GLY C 35 -16.77 28.73 0.64
CA GLY C 35 -18.18 28.75 0.31
C GLY C 35 -18.71 27.38 0.67
N LEU C 36 -20.01 27.16 0.47
CA LEU C 36 -20.61 25.85 0.70
C LEU C 36 -21.17 25.28 -0.59
N VAL C 37 -21.40 23.96 -0.59
CA VAL C 37 -22.26 23.31 -1.55
C VAL C 37 -23.26 22.57 -0.68
N VAL C 38 -24.55 22.87 -0.86
CA VAL C 38 -25.60 22.29 -0.03
C VAL C 38 -26.41 21.32 -0.90
N LEU C 39 -26.62 20.11 -0.41
CA LEU C 39 -27.46 19.13 -1.11
C LEU C 39 -28.91 19.21 -0.67
N VAL C 40 -29.81 19.06 -1.63
CA VAL C 40 -31.24 18.96 -1.41
C VAL C 40 -31.66 17.73 -2.21
N ASN C 41 -31.83 16.61 -1.50
CA ASN C 41 -31.84 15.25 -2.07
C ASN C 41 -30.69 15.04 -3.09
N ALA C 42 -30.98 14.77 -4.36
CA ALA C 42 -29.95 14.57 -5.40
C ALA C 42 -29.52 15.86 -6.11
N GLU C 43 -29.85 17.03 -5.57
CA GLU C 43 -29.56 18.31 -6.23
C GLU C 43 -28.62 19.15 -5.37
N ALA C 44 -27.80 19.96 -6.03
CA ALA C 44 -26.73 20.70 -5.37
C ALA C 44 -26.92 22.20 -5.56
N TYR C 45 -26.63 22.97 -4.51
CA TYR C 45 -26.64 24.42 -4.59
C TYR C 45 -25.30 24.95 -4.11
N LEU C 46 -24.76 25.90 -4.86
CA LEU C 46 -23.49 26.51 -4.54
C LEU C 46 -23.80 27.74 -3.72
N ILE C 47 -23.18 27.86 -2.55
CA ILE C 47 -23.31 29.03 -1.71
C ILE C 47 -21.98 29.77 -1.85
N ASP C 48 -22.01 30.82 -2.65
CA ASP C 48 -20.84 31.49 -3.22
C ASP C 48 -20.16 30.61 -4.26
N THR C 49 -19.47 31.29 -5.17
CA THR C 49 -18.71 30.63 -6.21
C THR C 49 -17.24 30.80 -5.91
N PRO C 50 -16.40 29.85 -6.37
CA PRO C 50 -14.97 30.11 -6.39
C PRO C 50 -14.61 31.38 -7.18
N PHE C 51 -13.40 31.87 -6.97
CA PHE C 51 -12.93 33.09 -7.64
C PHE C 51 -12.97 33.03 -9.17
N THR C 52 -12.77 31.84 -9.75
CA THR C 52 -12.52 31.70 -11.21
C THR C 52 -13.50 30.74 -11.88
N ALA C 53 -13.71 30.95 -13.18
CA ALA C 53 -14.46 30.01 -14.02
C ALA C 53 -13.95 28.58 -13.87
N LYS C 54 -12.63 28.41 -14.00
CA LYS C 54 -11.98 27.06 -13.90
C LYS C 54 -12.30 26.32 -12.63
N ASP C 55 -12.07 26.97 -11.48
CA ASP C 55 -12.47 26.39 -10.19
C ASP C 55 -13.98 26.18 -10.02
N THR C 56 -14.79 27.09 -10.55
CA THR C 56 -16.23 26.88 -10.58
C THR C 56 -16.60 25.64 -11.40
N GLU C 57 -15.95 25.45 -12.55
CA GLU C 57 -16.18 24.24 -13.35
C GLU C 57 -15.75 22.98 -12.60
N LYS C 58 -14.57 23.03 -11.97
CA LYS C 58 -14.08 21.89 -11.17
C LYS C 58 -15.07 21.55 -10.06
N LEU C 59 -15.54 22.58 -9.35
CA LEU C 59 -16.54 22.41 -8.28
C LEU C 59 -17.80 21.74 -8.81
N VAL C 60 -18.36 22.31 -9.87
CA VAL C 60 -19.59 21.77 -10.50
C VAL C 60 -19.39 20.32 -10.94
N THR C 61 -18.30 20.07 -11.66
CA THR C 61 -17.99 18.75 -12.21
C THR C 61 -17.79 17.70 -11.11
N TRP C 62 -17.14 18.11 -10.02
CA TRP C 62 -16.97 17.24 -8.86
C TRP C 62 -18.32 16.68 -8.37
N PHE C 63 -19.32 17.56 -8.25
CA PHE C 63 -20.65 17.11 -7.84
C PHE C 63 -21.43 16.40 -8.95
N VAL C 64 -21.29 16.86 -10.20
CA VAL C 64 -22.00 16.21 -11.32
C VAL C 64 -21.55 14.75 -11.55
N GLU C 65 -20.25 14.50 -11.43
CA GLU C 65 -19.71 13.13 -11.55
C GLU C 65 -20.26 12.17 -10.49
N ARG C 66 -20.54 12.69 -9.30
CA ARG C 66 -21.14 11.92 -8.20
C ARG C 66 -22.68 11.91 -8.20
N GLY C 67 -23.31 12.23 -9.33
CA GLY C 67 -24.77 12.11 -9.50
C GLY C 67 -25.62 13.30 -9.10
N TYR C 68 -25.00 14.39 -8.66
CA TYR C 68 -25.73 15.59 -8.21
C TYR C 68 -25.89 16.63 -9.33
N LYS C 69 -27.13 16.93 -9.73
CA LYS C 69 -27.39 18.03 -10.66
C LYS C 69 -27.27 19.38 -9.94
N ILE C 70 -26.60 20.35 -10.57
CA ILE C 70 -26.46 21.68 -9.98
C ILE C 70 -27.75 22.43 -10.28
N LYS C 71 -28.51 22.79 -9.25
CA LYS C 71 -29.78 23.51 -9.43
C LYS C 71 -29.58 25.01 -9.41
N GLY C 72 -28.58 25.49 -8.69
CA GLY C 72 -28.27 26.89 -8.71
C GLY C 72 -27.13 27.30 -7.82
N SER C 73 -26.76 28.57 -7.92
CA SER C 73 -25.82 29.16 -7.00
C SER C 73 -26.44 30.43 -6.44
N ILE C 74 -25.96 30.82 -5.27
CA ILE C 74 -26.32 32.10 -4.68
C ILE C 74 -25.04 32.78 -4.24
N SER C 75 -24.95 34.07 -4.46
CA SER C 75 -23.76 34.86 -4.10
C SER C 75 -24.12 35.78 -2.95
N SER C 76 -23.29 35.77 -1.91
CA SER C 76 -23.56 36.47 -0.66
C SER C 76 -23.21 37.96 -0.68
N HIS C 77 -22.41 38.37 -1.64
CA HIS C 77 -22.11 39.79 -1.85
C HIS C 77 -21.48 39.96 -3.20
N PHE C 78 -21.29 41.21 -3.63
CA PHE C 78 -20.91 41.48 -5.01
C PHE C 78 -19.44 41.26 -5.33
N HIS C 79 -18.57 41.29 -4.33
CA HIS C 79 -17.13 41.07 -4.54
C HIS C 79 -16.79 39.77 -5.30
N SER C 80 -15.62 39.78 -5.96
CA SER C 80 -15.17 38.63 -6.81
C SER C 80 -15.03 37.30 -6.07
N ASP C 81 -14.77 37.35 -4.76
CA ASP C 81 -14.63 36.11 -3.98
C ASP C 81 -15.95 35.36 -3.78
N SER C 82 -17.08 36.04 -4.01
CA SER C 82 -18.39 35.40 -3.99
C SER C 82 -19.03 35.20 -5.37
N THR C 83 -18.62 36.01 -6.35
CA THR C 83 -19.31 36.10 -7.66
C THR C 83 -18.45 35.69 -8.87
N GLY C 84 -17.23 35.21 -8.65
CA GLY C 84 -16.31 34.92 -9.76
C GLY C 84 -16.78 33.88 -10.78
N GLY C 85 -17.68 32.99 -10.34
CA GLY C 85 -18.23 31.94 -11.15
C GLY C 85 -19.56 32.23 -11.84
N ILE C 86 -20.13 33.43 -11.61
CA ILE C 86 -21.46 33.74 -12.17
C ILE C 86 -21.42 33.67 -13.71
N GLU C 87 -20.49 34.40 -14.35
CA GLU C 87 -20.24 34.26 -15.81
C GLU C 87 -20.29 32.82 -16.29
N TRP C 88 -19.48 31.96 -15.66
CA TRP C 88 -19.42 30.56 -16.10
C TRP C 88 -20.76 29.84 -15.93
N LEU C 89 -21.36 29.99 -14.76
CA LEU C 89 -22.63 29.33 -14.47
C LEU C 89 -23.73 29.79 -15.43
N ASN C 90 -23.80 31.10 -15.68
CA ASN C 90 -24.74 31.66 -16.66
C ASN C 90 -24.51 31.08 -18.04
N SER C 91 -23.24 30.94 -18.43
CA SER C 91 -22.91 30.37 -19.74
C SER C 91 -23.29 28.90 -19.90
N ARG C 92 -23.45 28.16 -18.81
CA ARG C 92 -23.97 26.79 -18.88
C ARG C 92 -25.45 26.66 -18.46
N SER C 93 -26.17 27.78 -18.41
CA SER C 93 -27.60 27.81 -18.06
C SER C 93 -27.88 27.16 -16.69
N ILE C 94 -27.00 27.41 -15.73
CA ILE C 94 -27.22 27.04 -14.34
C ILE C 94 -27.72 28.32 -13.67
N PRO C 95 -28.97 28.29 -13.14
CA PRO C 95 -29.55 29.46 -12.45
C PRO C 95 -28.60 30.08 -11.40
N THR C 96 -28.37 31.38 -11.52
CA THR C 96 -27.63 32.14 -10.51
C THR C 96 -28.56 33.09 -9.77
N TYR C 97 -28.27 33.29 -8.48
CA TYR C 97 -29.09 34.12 -7.58
C TYR C 97 -28.22 35.15 -6.88
N ALA C 98 -28.73 36.38 -6.75
CA ALA C 98 -28.12 37.42 -5.93
C ALA C 98 -29.18 38.45 -5.57
N SER C 99 -28.97 39.19 -4.48
CA SER C 99 -29.93 40.21 -4.08
C SER C 99 -30.00 41.28 -5.19
N GLU C 100 -31.07 42.08 -5.21
CA GLU C 100 -31.17 43.24 -6.13
C GLU C 100 -30.03 44.19 -5.88
N LEU C 101 -29.65 44.36 -4.61
CA LEU C 101 -28.54 45.24 -4.27
C LEU C 101 -27.23 44.70 -4.85
N THR C 102 -27.05 43.39 -4.76
CA THR C 102 -25.81 42.78 -5.25
C THR C 102 -25.73 42.96 -6.78
N ASN C 103 -26.80 42.59 -7.48
CA ASN C 103 -26.85 42.77 -8.94
C ASN C 103 -26.65 44.19 -9.43
N GLU C 104 -27.20 45.15 -8.68
CA GLU C 104 -27.01 46.56 -8.94
C GLU C 104 -25.54 46.95 -8.78
N LEU C 105 -24.89 46.46 -7.72
CA LEU C 105 -23.47 46.70 -7.53
C LEU C 105 -22.60 46.01 -8.60
N LEU C 106 -22.97 44.81 -9.00
CA LEU C 106 -22.36 44.15 -10.17
C LEU C 106 -22.48 44.99 -11.45
N LYS C 107 -23.68 45.50 -11.74
CA LYS C 107 -23.93 46.32 -12.93
C LYS C 107 -23.07 47.57 -12.92
N LYS C 108 -23.06 48.30 -11.81
CA LYS C 108 -22.23 49.51 -11.68
C LYS C 108 -20.76 49.24 -11.94
N ASP C 109 -20.28 48.05 -11.57
CA ASP C 109 -18.86 47.70 -11.65
C ASP C 109 -18.50 47.01 -12.99
N GLY C 110 -19.41 47.03 -13.95
CA GLY C 110 -19.20 46.39 -15.25
C GLY C 110 -19.11 44.86 -15.20
N LYS C 111 -19.83 44.23 -14.25
CA LYS C 111 -19.77 42.78 -14.05
C LYS C 111 -21.05 42.11 -14.47
N VAL C 112 -20.94 40.85 -14.90
CA VAL C 112 -22.11 40.05 -15.27
C VAL C 112 -22.94 39.79 -14.01
N GLN C 113 -24.25 39.99 -14.13
CA GLN C 113 -25.17 39.87 -13.01
C GLN C 113 -25.74 38.44 -12.92
N ALA C 114 -26.25 38.10 -11.73
CA ALA C 114 -26.99 36.87 -11.54
C ALA C 114 -28.32 36.91 -12.30
N THR C 115 -28.74 35.76 -12.81
CA THR C 115 -29.96 35.64 -13.59
C THR C 115 -31.21 35.95 -12.73
N ASN C 116 -31.19 35.61 -11.45
CA ASN C 116 -32.34 35.78 -10.58
C ASN C 116 -32.00 36.67 -9.41
N SER C 117 -32.92 37.55 -9.03
CA SER C 117 -32.72 38.40 -7.87
C SER C 117 -33.87 38.28 -6.87
N PHE C 118 -33.61 38.81 -5.67
CA PHE C 118 -34.56 38.77 -4.57
C PHE C 118 -34.29 39.97 -3.69
N SER C 119 -35.27 40.27 -2.83
CA SER C 119 -35.10 41.33 -1.84
C SER C 119 -35.83 40.95 -0.57
N GLY C 120 -35.74 41.83 0.42
CA GLY C 120 -36.39 41.62 1.70
C GLY C 120 -35.39 41.16 2.76
N VAL C 121 -35.87 41.09 3.99
CA VAL C 121 -35.08 40.63 5.13
C VAL C 121 -34.82 39.13 5.00
N ASN C 122 -35.86 38.36 4.65
CA ASN C 122 -35.81 36.89 4.54
C ASN C 122 -36.21 36.43 3.14
N TYR C 123 -35.43 35.54 2.55
CA TYR C 123 -35.78 34.94 1.26
C TYR C 123 -35.47 33.45 1.26
N TRP C 124 -36.45 32.63 0.88
CA TRP C 124 -36.25 31.21 0.73
C TRP C 124 -35.73 30.88 -0.68
N LEU C 125 -34.44 30.57 -0.78
CA LEU C 125 -33.89 29.99 -2.01
C LEU C 125 -34.55 28.62 -2.26
N VAL C 126 -34.58 27.79 -1.21
CA VAL C 126 -35.38 26.55 -1.18
C VAL C 126 -36.13 26.51 0.14
N LYS C 127 -37.46 26.37 0.03
CA LYS C 127 -38.38 26.39 1.19
C LYS C 127 -38.00 25.35 2.25
N ASN C 128 -37.76 25.82 3.47
CA ASN C 128 -37.35 24.99 4.63
C ASN C 128 -35.95 24.33 4.60
N LYS C 129 -35.14 24.67 3.59
CA LYS C 129 -33.80 24.09 3.40
C LYS C 129 -32.70 25.14 3.32
N ILE C 130 -32.89 26.18 2.51
CA ILE C 130 -31.87 27.25 2.32
C ILE C 130 -32.55 28.62 2.40
N GLU C 131 -32.26 29.37 3.46
CA GLU C 131 -32.82 30.67 3.69
C GLU C 131 -31.70 31.69 3.57
N VAL C 132 -32.00 32.80 2.91
CA VAL C 132 -31.12 33.95 2.83
C VAL C 132 -31.64 35.02 3.77
N PHE C 133 -30.73 35.69 4.48
CA PHE C 133 -31.06 36.72 5.44
C PHE C 133 -30.17 37.94 5.17
N TYR C 134 -30.79 39.13 5.16
CA TYR C 134 -30.09 40.39 5.00
C TYR C 134 -30.03 41.07 6.35
N PRO C 135 -28.85 41.06 7.00
CA PRO C 135 -28.76 41.73 8.29
C PRO C 135 -28.67 43.26 8.20
N GLY C 136 -28.41 43.79 7.01
CA GLY C 136 -28.13 45.22 6.83
C GLY C 136 -26.72 45.39 6.33
N PRO C 137 -26.34 46.62 5.95
CA PRO C 137 -24.98 46.89 5.51
C PRO C 137 -23.93 46.55 6.56
N GLY C 138 -22.77 46.08 6.11
CA GLY C 138 -21.67 45.83 7.02
C GLY C 138 -20.36 45.81 6.26
N HIS C 139 -19.94 44.61 5.91
CA HIS C 139 -18.77 44.42 5.04
C HIS C 139 -18.94 45.12 3.68
N THR C 140 -20.11 44.91 3.08
CA THR C 140 -20.53 45.62 1.88
C THR C 140 -21.98 46.10 2.08
N PRO C 141 -22.49 46.97 1.16
CA PRO C 141 -23.88 47.42 1.30
C PRO C 141 -24.89 46.29 1.16
N ASP C 142 -24.51 45.24 0.44
CA ASP C 142 -25.39 44.17 0.01
C ASP C 142 -25.26 42.83 0.73
N ASN C 143 -24.31 42.71 1.68
CA ASN C 143 -23.97 41.40 2.23
C ASN C 143 -25.16 40.64 2.83
N VAL C 144 -25.32 39.39 2.40
CA VAL C 144 -26.33 38.49 2.95
C VAL C 144 -25.64 37.24 3.49
N VAL C 145 -26.40 36.49 4.29
CA VAL C 145 -25.91 35.27 4.92
C VAL C 145 -26.89 34.21 4.51
N VAL C 146 -26.49 32.96 4.64
CA VAL C 146 -27.34 31.84 4.21
C VAL C 146 -27.43 30.89 5.38
N TRP C 147 -28.67 30.57 5.75
CA TRP C 147 -28.98 29.74 6.91
C TRP C 147 -29.57 28.44 6.41
N LEU C 148 -29.11 27.33 7.01
CA LEU C 148 -29.59 25.99 6.69
C LEU C 148 -30.30 25.46 7.95
N PRO C 149 -31.64 25.57 8.02
CA PRO C 149 -32.34 25.26 9.29
C PRO C 149 -32.24 23.81 9.77
N GLU C 150 -32.17 22.84 8.86
CA GLU C 150 -32.10 21.43 9.25
C GLU C 150 -30.78 21.03 9.96
N ARG C 151 -29.69 21.72 9.66
CA ARG C 151 -28.39 21.46 10.29
C ARG C 151 -27.93 22.58 11.23
N LYS C 152 -28.74 23.62 11.35
CA LYS C 152 -28.38 24.81 12.10
C LYS C 152 -27.00 25.38 11.71
N ILE C 153 -26.71 25.37 10.40
CA ILE C 153 -25.45 25.90 9.87
C ILE C 153 -25.74 27.25 9.22
N LEU C 154 -24.93 28.23 9.59
CA LEU C 154 -25.00 29.57 9.04
C LEU C 154 -23.75 29.86 8.22
N PHE C 155 -23.93 30.13 6.93
CA PHE C 155 -22.85 30.66 6.13
C PHE C 155 -22.83 32.19 6.26
N GLY C 156 -21.82 32.74 6.90
CA GLY C 156 -21.75 34.17 7.13
C GLY C 156 -20.96 34.98 6.13
N GLY C 157 -20.27 34.29 5.21
CA GLY C 157 -19.53 34.96 4.17
C GLY C 157 -18.58 35.99 4.74
N CYS C 158 -18.47 37.15 4.07
CA CYS C 158 -17.48 38.15 4.46
C CYS C 158 -17.98 39.14 5.54
N PHE C 159 -19.22 38.95 6.02
CA PHE C 159 -19.79 39.70 7.13
C PHE C 159 -19.24 39.24 8.48
N ILE C 160 -19.12 37.92 8.65
CA ILE C 160 -18.54 37.30 9.83
C ILE C 160 -17.02 37.50 9.80
N LYS C 161 -16.56 38.29 10.76
CA LYS C 161 -15.20 38.77 10.79
C LYS C 161 -14.72 38.80 12.25
N PRO C 162 -14.54 37.61 12.86
CA PRO C 162 -14.27 37.54 14.30
C PRO C 162 -12.93 38.09 14.75
N TYR C 163 -11.95 38.16 13.86
CA TYR C 163 -10.57 38.49 14.24
C TYR C 163 -10.11 39.85 13.70
N GLY C 164 -11.04 40.59 13.10
CA GLY C 164 -10.71 41.85 12.42
C GLY C 164 -11.60 41.95 11.18
N LEU C 165 -11.96 43.19 10.84
CA LEU C 165 -13.01 43.43 9.84
C LEU C 165 -12.58 43.15 8.39
N GLY C 166 -11.28 43.28 8.12
CA GLY C 166 -10.69 42.99 6.81
C GLY C 166 -10.72 44.21 5.91
N ASN C 167 -11.09 44.00 4.64
CA ASN C 167 -11.08 45.08 3.64
C ASN C 167 -12.22 46.08 3.90
N LEU C 168 -11.89 47.33 4.23
CA LEU C 168 -12.89 48.36 4.57
C LEU C 168 -13.37 49.21 3.36
N GLY C 169 -12.92 48.87 2.15
CA GLY C 169 -13.16 49.66 0.96
C GLY C 169 -14.62 49.94 0.66
N ASP C 170 -15.46 48.90 0.77
CA ASP C 170 -16.89 49.01 0.53
C ASP C 170 -17.74 48.87 1.80
N ALA C 171 -17.11 48.99 2.96
CA ALA C 171 -17.76 48.72 4.25
C ALA C 171 -18.58 49.90 4.74
N ASN C 172 -19.64 49.57 5.47
CA ASN C 172 -20.47 50.58 6.15
C ASN C 172 -20.19 50.45 7.64
N ILE C 173 -19.16 51.16 8.11
CA ILE C 173 -18.70 51.02 9.49
C ILE C 173 -19.72 51.57 10.50
N GLU C 174 -20.56 52.52 10.08
CA GLU C 174 -21.61 53.06 10.97
C GLU C 174 -22.77 52.08 11.14
N ALA C 175 -23.07 51.30 10.10
CA ALA C 175 -24.18 50.34 10.13
C ALA C 175 -23.84 48.95 10.67
N TRP C 176 -22.56 48.56 10.57
CA TRP C 176 -22.15 47.17 10.82
C TRP C 176 -22.56 46.67 12.22
N PRO C 177 -22.29 47.48 13.28
CA PRO C 177 -22.72 47.08 14.63
C PRO C 177 -24.20 46.71 14.73
N LYS C 178 -25.07 47.54 14.16
CA LYS C 178 -26.52 47.28 14.18
C LYS C 178 -26.85 46.02 13.39
N SER C 179 -26.23 45.85 12.22
CA SER C 179 -26.47 44.67 11.41
C SER C 179 -25.97 43.42 12.13
N ALA C 180 -24.79 43.53 12.77
CA ALA C 180 -24.24 42.38 13.52
C ALA C 180 -25.07 42.05 14.74
N LYS C 181 -25.58 43.09 15.40
CA LYS C 181 -26.52 42.92 16.51
C LYS C 181 -27.76 42.15 16.06
N LEU C 182 -28.33 42.54 14.92
CA LEU C 182 -29.50 41.84 14.39
C LEU C 182 -29.20 40.38 14.01
N LEU C 183 -28.03 40.15 13.39
CA LEU C 183 -27.63 38.80 12.99
C LEU C 183 -27.50 37.88 14.21
N LYS C 184 -26.80 38.40 15.22
CA LYS C 184 -26.58 37.69 16.49
C LYS C 184 -27.90 37.26 17.13
N SER C 185 -28.87 38.18 17.18
CA SER C 185 -30.21 37.86 17.69
C SER C 185 -30.92 36.82 16.86
N LYS C 186 -30.82 36.92 15.54
CA LYS C 186 -31.51 36.01 14.63
C LYS C 186 -30.98 34.59 14.69
N TYR C 187 -29.66 34.43 14.76
CA TYR C 187 -29.01 33.10 14.64
C TYR C 187 -28.10 32.71 15.83
N GLY C 188 -28.49 33.11 17.04
CA GLY C 188 -27.83 32.60 18.25
C GLY C 188 -27.93 31.09 18.41
N LYS C 189 -28.96 30.47 17.81
CA LYS C 189 -29.13 28.99 17.79
C LYS C 189 -28.28 28.23 16.74
N ALA C 190 -27.35 28.91 16.08
CA ALA C 190 -26.46 28.26 15.11
C ALA C 190 -25.51 27.30 15.81
N LYS C 191 -25.37 26.10 15.26
CA LYS C 191 -24.34 25.16 15.71
C LYS C 191 -22.99 25.50 15.08
N LEU C 192 -22.99 25.70 13.76
CA LEU C 192 -21.77 26.03 13.01
C LEU C 192 -21.93 27.36 12.26
N VAL C 193 -20.93 28.24 12.40
CA VAL C 193 -20.83 29.51 11.65
C VAL C 193 -19.57 29.48 10.77
N VAL C 194 -19.80 29.64 9.46
CA VAL C 194 -18.79 29.45 8.43
C VAL C 194 -18.45 30.82 7.84
N PRO C 195 -17.31 31.40 8.24
CA PRO C 195 -16.88 32.64 7.60
C PRO C 195 -16.15 32.41 6.28
N SER C 196 -15.95 33.49 5.53
CA SER C 196 -15.22 33.43 4.25
C SER C 196 -13.73 33.12 4.39
N HIS C 197 -13.08 33.76 5.37
CA HIS C 197 -11.61 33.79 5.41
C HIS C 197 -10.97 33.32 6.72
N SER C 198 -11.69 32.51 7.48
CA SER C 198 -11.17 31.91 8.70
C SER C 198 -11.98 30.66 8.97
N GLU C 199 -11.54 29.91 9.98
CA GLU C 199 -12.07 28.57 10.23
C GLU C 199 -13.50 28.57 10.72
N VAL C 200 -14.16 27.43 10.52
CA VAL C 200 -15.50 27.19 11.04
C VAL C 200 -15.49 27.34 12.57
N GLY C 201 -16.54 27.93 13.12
CA GLY C 201 -16.68 28.11 14.57
C GLY C 201 -18.10 27.82 15.00
N ASP C 202 -18.41 28.22 16.23
CA ASP C 202 -19.76 28.12 16.79
C ASP C 202 -20.39 29.54 16.84
N ALA C 203 -21.54 29.68 17.49
CA ALA C 203 -22.24 30.97 17.59
C ALA C 203 -21.39 32.12 18.13
N SER C 204 -20.36 31.84 18.93
CA SER C 204 -19.48 32.89 19.46
C SER C 204 -18.84 33.80 18.37
N LEU C 205 -18.76 33.31 17.13
CA LEU C 205 -18.27 34.13 16.00
C LEU C 205 -19.20 35.33 15.72
N LEU C 206 -20.48 35.18 16.03
CA LEU C 206 -21.47 36.28 15.94
C LEU C 206 -21.16 37.40 16.95
N LYS C 207 -20.87 37.02 18.20
CA LYS C 207 -20.49 37.98 19.23
C LYS C 207 -19.17 38.65 18.87
N LEU C 208 -18.18 37.87 18.47
CA LEU C 208 -16.87 38.40 18.14
C LEU C 208 -16.93 39.43 17.00
N THR C 209 -17.71 39.11 15.96
CA THR C 209 -17.96 40.04 14.85
C THR C 209 -18.59 41.34 15.31
N LEU C 210 -19.65 41.22 16.11
CA LEU C 210 -20.28 42.39 16.75
C LEU C 210 -19.24 43.25 17.44
N GLU C 211 -18.39 42.63 18.27
CA GLU C 211 -17.35 43.35 19.00
C GLU C 211 -16.39 44.05 18.05
N GLN C 212 -15.95 43.34 17.00
CA GLN C 212 -15.05 43.92 16.00
C GLN C 212 -15.70 45.09 15.27
N ALA C 213 -16.97 44.93 14.88
CA ALA C 213 -17.75 46.02 14.28
C ALA C 213 -17.84 47.25 15.21
N VAL C 214 -18.18 47.02 16.47
CA VAL C 214 -18.27 48.12 17.44
C VAL C 214 -16.90 48.81 17.57
N LYS C 215 -15.83 48.02 17.71
CA LYS C 215 -14.48 48.58 17.82
C LYS C 215 -14.15 49.43 16.60
N GLY C 216 -14.48 48.92 15.42
CA GLY C 216 -14.28 49.63 14.17
C GLY C 216 -14.96 50.98 14.12
N LEU C 217 -16.22 51.03 14.57
CA LEU C 217 -16.96 52.29 14.66
C LEU C 217 -16.25 53.28 15.58
N ASN C 218 -15.92 52.82 16.79
CA ASN C 218 -15.22 53.65 17.79
C ASN C 218 -13.88 54.19 17.28
N GLU C 219 -13.19 53.42 16.44
CA GLU C 219 -11.95 53.87 15.78
C GLU C 219 -12.13 55.01 14.77
N SER C 220 -13.31 55.13 14.16
CA SER C 220 -13.58 56.20 13.17
C SER C 220 -13.57 57.60 13.79
N SER D 3 -11.56 -27.57 -3.19
CA SER D 3 -10.75 -26.38 -2.79
C SER D 3 -9.36 -26.42 -3.46
N LEU D 4 -9.38 -26.40 -4.80
CA LEU D 4 -8.16 -26.53 -5.62
C LEU D 4 -7.29 -25.29 -5.54
N PRO D 5 -5.97 -25.45 -5.70
CA PRO D 5 -5.12 -24.26 -5.76
C PRO D 5 -5.44 -23.35 -6.94
N ASP D 6 -5.23 -22.06 -6.76
CA ASP D 6 -5.54 -21.07 -7.79
C ASP D 6 -4.60 -21.22 -8.99
N LEU D 7 -5.11 -20.87 -10.17
CA LEU D 7 -4.31 -20.73 -11.38
C LEU D 7 -3.13 -19.80 -11.11
N LYS D 8 -1.97 -20.20 -11.60
CA LYS D 8 -0.71 -19.50 -11.43
C LYS D 8 -0.20 -19.08 -12.79
N ILE D 9 0.30 -17.84 -12.88
CA ILE D 9 0.90 -17.31 -14.11
C ILE D 9 2.20 -16.60 -13.73
N GLU D 10 3.33 -17.10 -14.24
CA GLU D 10 4.66 -16.55 -13.95
C GLU D 10 5.48 -16.40 -15.23
N LYS D 11 6.17 -15.27 -15.36
CA LYS D 11 7.09 -15.06 -16.47
C LYS D 11 8.24 -16.05 -16.34
N LEU D 12 8.59 -16.69 -17.45
CA LEU D 12 9.76 -17.56 -17.54
C LEU D 12 10.90 -16.84 -18.24
N ASP D 13 10.58 -16.10 -19.29
CA ASP D 13 11.58 -15.46 -20.13
C ASP D 13 10.87 -14.41 -20.99
N GLU D 14 11.64 -13.59 -21.68
CA GLU D 14 11.09 -12.55 -22.55
C GLU D 14 10.01 -13.12 -23.49
N GLY D 15 8.76 -12.72 -23.24
CA GLY D 15 7.63 -13.13 -24.08
C GLY D 15 7.07 -14.53 -23.81
N VAL D 16 7.54 -15.19 -22.74
CA VAL D 16 7.15 -16.56 -22.43
C VAL D 16 6.75 -16.68 -20.95
N TYR D 17 5.52 -17.13 -20.73
CA TYR D 17 4.99 -17.33 -19.39
C TYR D 17 4.63 -18.79 -19.20
N VAL D 18 4.69 -19.26 -17.97
CA VAL D 18 4.21 -20.58 -17.59
C VAL D 18 2.91 -20.42 -16.85
N HIS D 19 1.85 -21.08 -17.32
CA HIS D 19 0.62 -21.20 -16.55
C HIS D 19 0.54 -22.55 -15.84
N THR D 20 0.09 -22.54 -14.58
CA THR D 20 -0.07 -23.76 -13.82
C THR D 20 -1.48 -23.85 -13.30
N SER D 21 -2.12 -24.97 -13.57
CA SER D 21 -3.46 -25.24 -13.12
C SER D 21 -3.39 -26.58 -12.45
N PHE D 22 -4.39 -26.85 -11.62
CA PHE D 22 -4.36 -27.98 -10.73
C PHE D 22 -5.64 -28.79 -10.84
N GLU D 23 -5.52 -30.11 -10.79
CA GLU D 23 -6.71 -30.97 -10.75
C GLU D 23 -6.50 -32.16 -9.80
N GLU D 24 -7.61 -32.59 -9.20
CA GLU D 24 -7.66 -33.77 -8.35
C GLU D 24 -7.78 -34.98 -9.27
N VAL D 25 -6.75 -35.83 -9.25
CA VAL D 25 -6.73 -37.07 -10.04
C VAL D 25 -6.34 -38.21 -9.09
N ASN D 26 -7.13 -39.29 -9.11
CA ASN D 26 -6.94 -40.44 -8.19
C ASN D 26 -5.75 -41.31 -8.56
N GLY D 27 -4.96 -41.67 -7.55
CA GLY D 27 -3.65 -42.32 -7.74
C GLY D 27 -2.47 -41.37 -7.55
N TRP D 28 -2.72 -40.06 -7.57
CA TRP D 28 -1.69 -39.02 -7.44
C TRP D 28 -1.99 -38.05 -6.27
N GLY D 29 -3.18 -37.44 -6.30
CA GLY D 29 -3.57 -36.35 -5.39
C GLY D 29 -3.88 -35.13 -6.24
N VAL D 30 -3.61 -33.93 -5.73
CA VAL D 30 -3.62 -32.74 -6.58
C VAL D 30 -2.31 -32.77 -7.39
N VAL D 31 -2.43 -32.70 -8.72
CA VAL D 31 -1.28 -32.65 -9.62
C VAL D 31 -1.23 -31.32 -10.33
N PRO D 32 -0.09 -30.60 -10.25
CA PRO D 32 0.05 -29.41 -11.07
C PRO D 32 0.28 -29.76 -12.55
N LYS D 33 -0.28 -28.92 -13.44
CA LYS D 33 -0.08 -29.03 -14.87
C LYS D 33 0.43 -27.70 -15.39
N HIS D 34 1.62 -27.71 -15.99
CA HIS D 34 2.25 -26.55 -16.59
C HIS D 34 1.97 -26.45 -18.09
N GLY D 35 1.64 -25.24 -18.54
CA GLY D 35 1.60 -24.91 -19.95
C GLY D 35 2.29 -23.57 -20.15
N LEU D 36 2.30 -23.05 -21.38
CA LEU D 36 2.92 -21.76 -21.67
C LEU D 36 1.94 -20.76 -22.31
N VAL D 37 2.23 -19.47 -22.15
CA VAL D 37 1.65 -18.45 -23.02
C VAL D 37 2.80 -17.72 -23.69
N VAL D 38 2.76 -17.66 -25.02
CA VAL D 38 3.86 -17.14 -25.83
C VAL D 38 3.39 -15.87 -26.55
N LEU D 39 4.16 -14.79 -26.39
CA LEU D 39 3.87 -13.52 -27.06
C LEU D 39 4.54 -13.39 -28.43
N VAL D 40 3.75 -13.05 -29.44
CA VAL D 40 4.22 -12.72 -30.77
C VAL D 40 3.65 -11.34 -31.08
N ASN D 41 4.47 -10.30 -30.86
CA ASN D 41 4.05 -8.89 -30.97
C ASN D 41 2.96 -8.58 -29.93
N ALA D 42 1.81 -8.03 -30.34
CA ALA D 42 0.72 -7.69 -29.41
C ALA D 42 -0.30 -8.84 -29.29
N GLU D 43 0.17 -10.09 -29.45
CA GLU D 43 -0.71 -11.27 -29.51
C GLU D 43 -0.17 -12.37 -28.58
N ALA D 44 -1.06 -13.28 -28.20
CA ALA D 44 -0.74 -14.34 -27.24
C ALA D 44 -1.18 -15.68 -27.81
N TYR D 45 -0.34 -16.70 -27.62
CA TYR D 45 -0.67 -18.05 -28.02
C TYR D 45 -0.60 -18.92 -26.78
N LEU D 46 -1.64 -19.74 -26.61
CA LEU D 46 -1.73 -20.68 -25.52
C LEU D 46 -1.08 -21.98 -25.95
N ILE D 47 -0.11 -22.44 -25.18
CA ILE D 47 0.54 -23.73 -25.39
C ILE D 47 -0.03 -24.61 -24.29
N ASP D 48 -0.94 -25.49 -24.68
CA ASP D 48 -1.84 -26.23 -23.79
C ASP D 48 -2.81 -25.30 -23.05
N THR D 49 -3.97 -25.86 -22.73
CA THR D 49 -4.98 -25.13 -22.00
C THR D 49 -4.97 -25.67 -20.58
N PRO D 50 -5.41 -24.83 -19.60
CA PRO D 50 -5.75 -25.37 -18.29
C PRO D 50 -6.82 -26.47 -18.34
N PHE D 51 -6.99 -27.17 -17.23
CA PHE D 51 -7.96 -28.26 -17.15
C PHE D 51 -9.40 -27.83 -17.44
N THR D 52 -9.78 -26.62 -17.03
CA THR D 52 -11.20 -26.19 -16.99
C THR D 52 -11.47 -24.98 -17.86
N ALA D 53 -12.72 -24.85 -18.29
CA ALA D 53 -13.20 -23.61 -18.94
C ALA D 53 -12.89 -22.42 -18.08
N LYS D 54 -13.24 -22.53 -16.79
CA LYS D 54 -13.04 -21.43 -15.83
C LYS D 54 -11.62 -20.89 -15.78
N ASP D 55 -10.64 -21.77 -15.58
CA ASP D 55 -9.21 -21.37 -15.59
C ASP D 55 -8.70 -20.90 -16.96
N THR D 56 -9.21 -21.51 -18.04
CA THR D 56 -8.89 -21.05 -19.40
C THR D 56 -9.38 -19.61 -19.58
N GLU D 57 -10.60 -19.31 -19.11
CA GLU D 57 -11.10 -17.93 -19.17
C GLU D 57 -10.24 -16.99 -18.31
N LYS D 58 -9.89 -17.41 -17.10
CA LYS D 58 -8.98 -16.64 -16.23
C LYS D 58 -7.65 -16.36 -16.91
N LEU D 59 -7.11 -17.40 -17.57
CA LEU D 59 -5.85 -17.27 -18.30
C LEU D 59 -6.00 -16.27 -19.46
N VAL D 60 -6.99 -16.48 -20.32
CA VAL D 60 -7.25 -15.59 -21.47
C VAL D 60 -7.41 -14.14 -21.02
N THR D 61 -8.22 -13.92 -19.99
CA THR D 61 -8.52 -12.59 -19.44
C THR D 61 -7.31 -11.89 -18.83
N TRP D 62 -6.48 -12.62 -18.10
CA TRP D 62 -5.23 -12.08 -17.59
C TRP D 62 -4.40 -11.45 -18.71
N PHE D 63 -4.39 -12.07 -19.89
CA PHE D 63 -3.61 -11.53 -21.02
C PHE D 63 -4.37 -10.46 -21.83
N VAL D 64 -5.68 -10.62 -22.01
CA VAL D 64 -6.49 -9.61 -22.71
C VAL D 64 -6.49 -8.27 -21.97
N GLU D 65 -6.51 -8.31 -20.63
CA GLU D 65 -6.45 -7.07 -19.82
C GLU D 65 -5.09 -6.35 -19.83
N ARG D 66 -4.04 -7.02 -20.30
CA ARG D 66 -2.73 -6.40 -20.59
C ARG D 66 -2.57 -6.05 -22.09
N GLY D 67 -3.67 -5.97 -22.85
CA GLY D 67 -3.64 -5.61 -24.26
C GLY D 67 -3.05 -6.63 -25.23
N TYR D 68 -3.31 -7.93 -25.00
CA TYR D 68 -2.92 -9.00 -25.92
C TYR D 68 -4.14 -9.68 -26.52
N LYS D 69 -4.19 -9.77 -27.84
CA LYS D 69 -5.20 -10.59 -28.52
C LYS D 69 -4.77 -12.06 -28.40
N ILE D 70 -5.70 -12.93 -28.02
CA ILE D 70 -5.42 -14.37 -28.03
C ILE D 70 -5.59 -14.81 -29.49
N LYS D 71 -4.47 -15.12 -30.15
CA LYS D 71 -4.50 -15.54 -31.56
C LYS D 71 -4.87 -17.00 -31.69
N GLY D 72 -4.42 -17.81 -30.74
CA GLY D 72 -4.91 -19.16 -30.62
C GLY D 72 -4.27 -19.96 -29.52
N SER D 73 -4.62 -21.25 -29.52
CA SER D 73 -4.04 -22.21 -28.62
C SER D 73 -3.62 -23.42 -29.41
N ILE D 74 -2.64 -24.13 -28.89
CA ILE D 74 -2.25 -25.44 -29.41
C ILE D 74 -2.21 -26.44 -28.26
N SER D 75 -2.79 -27.61 -28.46
CA SER D 75 -2.80 -28.67 -27.46
C SER D 75 -1.79 -29.76 -27.86
N SER D 76 -0.92 -30.14 -26.91
CA SER D 76 0.20 -31.01 -27.17
C SER D 76 -0.18 -32.48 -27.23
N HIS D 77 -1.33 -32.82 -26.64
CA HIS D 77 -1.92 -34.16 -26.81
C HIS D 77 -3.38 -34.18 -26.41
N PHE D 78 -4.06 -35.30 -26.60
CA PHE D 78 -5.51 -35.35 -26.43
C PHE D 78 -6.02 -35.32 -25.00
N HIS D 79 -5.20 -35.74 -24.04
CA HIS D 79 -5.63 -35.74 -22.64
C HIS D 79 -6.13 -34.38 -22.14
N SER D 80 -7.06 -34.43 -21.17
CA SER D 80 -7.74 -33.22 -20.67
C SER D 80 -6.83 -32.20 -20.00
N ASP D 81 -5.64 -32.62 -19.57
CA ASP D 81 -4.65 -31.69 -19.03
C ASP D 81 -4.04 -30.74 -20.08
N SER D 82 -4.20 -31.10 -21.37
CA SER D 82 -3.81 -30.23 -22.47
C SER D 82 -4.98 -29.61 -23.23
N THR D 83 -6.14 -30.24 -23.20
CA THR D 83 -7.28 -29.89 -24.06
C THR D 83 -8.54 -29.41 -23.30
N GLY D 84 -8.46 -29.23 -21.99
CA GLY D 84 -9.62 -28.82 -21.19
C GLY D 84 -10.31 -27.50 -21.53
N GLY D 85 -9.54 -26.60 -22.15
CA GLY D 85 -10.00 -25.31 -22.58
C GLY D 85 -10.50 -25.22 -24.02
N ILE D 86 -10.40 -26.30 -24.81
CA ILE D 86 -10.73 -26.22 -26.24
C ILE D 86 -12.20 -25.80 -26.41
N GLU D 87 -13.13 -26.52 -25.78
CA GLU D 87 -14.56 -26.13 -25.75
C GLU D 87 -14.77 -24.64 -25.52
N TRP D 88 -14.16 -24.11 -24.46
CA TRP D 88 -14.32 -22.67 -24.14
C TRP D 88 -13.76 -21.79 -25.23
N LEU D 89 -12.53 -22.07 -25.65
CA LEU D 89 -11.87 -21.30 -26.71
C LEU D 89 -12.68 -21.31 -28.03
N ASN D 90 -13.18 -22.48 -28.42
CA ASN D 90 -14.03 -22.59 -29.60
C ASN D 90 -15.31 -21.77 -29.46
N SER D 91 -15.92 -21.81 -28.27
CA SER D 91 -17.12 -21.02 -27.98
C SER D 91 -16.89 -19.51 -27.98
N ARG D 92 -15.65 -19.05 -27.83
CA ARG D 92 -15.32 -17.63 -27.95
C ARG D 92 -14.71 -17.27 -29.31
N SER D 93 -14.79 -18.18 -30.28
CA SER D 93 -14.22 -18.00 -31.60
C SER D 93 -12.70 -17.75 -31.60
N ILE D 94 -11.99 -18.29 -30.61
CA ILE D 94 -10.53 -18.23 -30.59
C ILE D 94 -10.01 -19.49 -31.29
N PRO D 95 -9.20 -19.34 -32.36
CA PRO D 95 -8.65 -20.51 -33.07
C PRO D 95 -7.90 -21.49 -32.16
N THR D 96 -8.28 -22.76 -32.24
CA THR D 96 -7.62 -23.82 -31.53
C THR D 96 -6.91 -24.73 -32.54
N TYR D 97 -5.75 -25.26 -32.14
CA TYR D 97 -4.89 -26.09 -32.98
C TYR D 97 -4.58 -27.39 -32.26
N ALA D 98 -4.68 -28.50 -32.99
CA ALA D 98 -4.20 -29.79 -32.51
C ALA D 98 -3.83 -30.64 -33.71
N SER D 99 -2.92 -31.58 -33.52
CA SER D 99 -2.52 -32.41 -34.63
C SER D 99 -3.71 -33.25 -35.11
N GLU D 100 -3.59 -33.82 -36.29
CA GLU D 100 -4.65 -34.64 -36.87
C GLU D 100 -4.88 -35.90 -36.03
N LEU D 101 -3.79 -36.47 -35.50
CA LEU D 101 -3.90 -37.61 -34.60
C LEU D 101 -4.62 -37.22 -33.30
N THR D 102 -4.30 -36.04 -32.78
CA THR D 102 -4.92 -35.56 -31.53
C THR D 102 -6.43 -35.39 -31.71
N ASN D 103 -6.84 -34.69 -32.77
CA ASN D 103 -8.26 -34.50 -33.06
C ASN D 103 -9.03 -35.80 -33.26
N GLU D 104 -8.39 -36.78 -33.89
CA GLU D 104 -8.96 -38.10 -34.07
C GLU D 104 -9.18 -38.81 -32.74
N LEU D 105 -8.21 -38.70 -31.83
CA LEU D 105 -8.36 -39.23 -30.46
C LEU D 105 -9.41 -38.48 -29.66
N LEU D 106 -9.50 -37.16 -29.82
CA LEU D 106 -10.60 -36.41 -29.22
C LEU D 106 -11.97 -36.89 -29.73
N LYS D 107 -12.10 -37.04 -31.06
CA LYS D 107 -13.34 -37.45 -31.70
C LYS D 107 -13.77 -38.81 -31.22
N LYS D 108 -12.84 -39.75 -31.17
CA LYS D 108 -13.15 -41.11 -30.75
C LYS D 108 -13.54 -41.18 -29.25
N ASP D 109 -13.03 -40.24 -28.45
CA ASP D 109 -13.31 -40.21 -27.00
C ASP D 109 -14.55 -39.34 -26.65
N GLY D 110 -15.29 -38.86 -27.66
CA GLY D 110 -16.45 -38.02 -27.46
C GLY D 110 -16.15 -36.58 -27.03
N LYS D 111 -15.00 -36.04 -27.45
CA LYS D 111 -14.57 -34.68 -27.04
C LYS D 111 -14.59 -33.71 -28.18
N VAL D 112 -14.79 -32.44 -27.84
CA VAL D 112 -14.79 -31.36 -28.83
C VAL D 112 -13.37 -31.26 -29.40
N GLN D 113 -13.28 -31.12 -30.71
CA GLN D 113 -11.98 -31.10 -31.41
C GLN D 113 -11.49 -29.67 -31.56
N ALA D 114 -10.18 -29.53 -31.73
CA ALA D 114 -9.59 -28.27 -32.17
C ALA D 114 -10.11 -27.95 -33.58
N THR D 115 -10.30 -26.67 -33.87
CA THR D 115 -10.87 -26.25 -35.15
C THR D 115 -9.84 -26.32 -36.30
N ASN D 116 -8.56 -26.28 -35.97
CA ASN D 116 -7.49 -26.36 -36.97
C ASN D 116 -6.61 -27.55 -36.69
N SER D 117 -6.17 -28.25 -37.75
CA SER D 117 -5.24 -29.35 -37.55
C SER D 117 -4.06 -29.29 -38.52
N PHE D 118 -3.04 -30.07 -38.19
CA PHE D 118 -1.77 -30.11 -38.91
C PHE D 118 -1.27 -31.53 -38.79
N SER D 119 -0.32 -31.87 -39.65
CA SER D 119 0.42 -33.12 -39.54
C SER D 119 1.87 -32.88 -39.96
N GLY D 120 2.63 -33.97 -39.98
CA GLY D 120 4.02 -33.95 -40.38
C GLY D 120 4.93 -33.97 -39.16
N VAL D 121 6.23 -34.08 -39.45
CA VAL D 121 7.26 -34.12 -38.41
C VAL D 121 7.37 -32.74 -37.78
N ASN D 122 7.37 -31.70 -38.61
CA ASN D 122 7.43 -30.29 -38.16
C ASN D 122 6.24 -29.53 -38.71
N TYR D 123 5.73 -28.60 -37.90
CA TYR D 123 4.69 -27.67 -38.31
C TYR D 123 4.98 -26.32 -37.62
N TRP D 124 5.03 -25.25 -38.41
CA TRP D 124 5.11 -23.89 -37.86
C TRP D 124 3.69 -23.44 -37.54
N LEU D 125 3.41 -23.21 -36.25
CA LEU D 125 2.20 -22.50 -35.83
C LEU D 125 2.38 -21.02 -36.17
N VAL D 126 3.55 -20.50 -35.84
CA VAL D 126 3.98 -19.17 -36.30
C VAL D 126 5.41 -19.27 -36.85
N LYS D 127 5.56 -18.98 -38.15
CA LYS D 127 6.87 -19.03 -38.84
C LYS D 127 8.00 -18.40 -38.02
N ASN D 128 9.08 -19.18 -37.82
CA ASN D 128 10.29 -18.76 -37.08
C ASN D 128 10.11 -18.32 -35.63
N LYS D 129 9.00 -18.75 -35.01
CA LYS D 129 8.63 -18.32 -33.64
C LYS D 129 8.02 -19.42 -32.75
N ILE D 130 7.13 -20.23 -33.30
CA ILE D 130 6.49 -21.32 -32.57
C ILE D 130 6.40 -22.52 -33.51
N GLU D 131 7.23 -23.52 -33.25
CA GLU D 131 7.33 -24.74 -34.05
C GLU D 131 6.77 -25.89 -33.22
N VAL D 132 5.99 -26.73 -33.88
CA VAL D 132 5.46 -27.96 -33.30
C VAL D 132 6.23 -29.14 -33.91
N PHE D 133 6.76 -30.00 -33.05
CA PHE D 133 7.53 -31.17 -33.46
C PHE D 133 6.85 -32.45 -32.95
N TYR D 134 6.71 -33.43 -33.82
CA TYR D 134 6.17 -34.75 -33.49
C TYR D 134 7.34 -35.74 -33.39
N PRO D 135 7.75 -36.11 -32.17
CA PRO D 135 8.85 -37.07 -32.07
C PRO D 135 8.43 -38.52 -32.35
N GLY D 136 7.14 -38.80 -32.35
CA GLY D 136 6.62 -40.16 -32.47
C GLY D 136 5.82 -40.50 -31.24
N PRO D 137 5.15 -41.67 -31.22
CA PRO D 137 4.41 -42.11 -30.03
C PRO D 137 5.27 -42.26 -28.78
N GLY D 138 4.72 -41.91 -27.63
CA GLY D 138 5.42 -42.06 -26.36
C GLY D 138 4.46 -42.09 -25.21
N HIS D 139 4.32 -40.94 -24.55
CA HIS D 139 3.30 -40.78 -23.51
C HIS D 139 1.87 -41.09 -24.03
N THR D 140 1.57 -40.57 -25.21
CA THR D 140 0.37 -40.94 -25.96
C THR D 140 0.78 -41.13 -27.41
N PRO D 141 -0.13 -41.64 -28.27
CA PRO D 141 0.21 -41.85 -29.66
C PRO D 141 0.46 -40.56 -30.42
N ASP D 142 -0.19 -39.50 -29.97
CA ASP D 142 -0.24 -38.23 -30.64
C ASP D 142 0.67 -37.15 -30.04
N ASN D 143 1.43 -37.45 -28.99
CA ASN D 143 2.14 -36.37 -28.27
C ASN D 143 3.07 -35.55 -29.15
N VAL D 144 2.95 -34.22 -29.07
CA VAL D 144 3.85 -33.30 -29.75
C VAL D 144 4.50 -32.35 -28.75
N VAL D 145 5.56 -31.70 -29.18
CA VAL D 145 6.27 -30.71 -28.34
C VAL D 145 6.26 -29.40 -29.08
N VAL D 146 6.55 -28.31 -28.37
CA VAL D 146 6.49 -26.99 -28.95
C VAL D 146 7.81 -26.29 -28.66
N TRP D 147 8.48 -25.87 -29.73
CA TRP D 147 9.82 -25.31 -29.66
C TRP D 147 9.74 -23.83 -29.95
N LEU D 148 10.38 -23.03 -29.11
CA LEU D 148 10.45 -21.58 -29.29
C LEU D 148 11.89 -21.21 -29.67
N PRO D 149 12.19 -21.13 -30.99
CA PRO D 149 13.59 -21.00 -31.45
C PRO D 149 14.36 -19.73 -30.99
N GLU D 150 13.66 -18.64 -30.69
CA GLU D 150 14.32 -17.38 -30.30
C GLU D 150 14.84 -17.44 -28.87
N ARG D 151 14.06 -18.03 -27.99
CA ARG D 151 14.44 -18.19 -26.59
C ARG D 151 15.07 -19.56 -26.33
N LYS D 152 15.03 -20.43 -27.34
CA LYS D 152 15.44 -21.84 -27.23
C LYS D 152 14.76 -22.57 -26.06
N ILE D 153 13.45 -22.36 -25.93
CA ILE D 153 12.65 -23.01 -24.91
C ILE D 153 11.85 -24.12 -25.61
N LEU D 154 11.86 -25.29 -25.00
CA LEU D 154 11.08 -26.43 -25.47
C LEU D 154 10.00 -26.72 -24.43
N PHE D 155 8.74 -26.67 -24.85
CA PHE D 155 7.66 -27.19 -24.05
C PHE D 155 7.56 -28.66 -24.37
N GLY D 156 7.86 -29.50 -23.39
CA GLY D 156 7.84 -30.94 -23.57
C GLY D 156 6.53 -31.61 -23.29
N GLY D 157 5.66 -30.92 -22.55
CA GLY D 157 4.36 -31.48 -22.21
C GLY D 157 4.50 -32.76 -21.41
N CYS D 158 3.64 -33.73 -21.68
CA CYS D 158 3.64 -34.96 -20.91
C CYS D 158 4.62 -36.03 -21.46
N PHE D 159 5.28 -35.74 -22.57
CA PHE D 159 6.38 -36.59 -23.10
C PHE D 159 7.65 -36.55 -22.24
N ILE D 160 8.01 -35.35 -21.78
CA ILE D 160 9.17 -35.17 -20.90
C ILE D 160 8.82 -35.63 -19.49
N LYS D 161 9.49 -36.70 -19.08
CA LYS D 161 9.18 -37.43 -17.88
C LYS D 161 10.50 -37.85 -17.22
N PRO D 162 11.24 -36.86 -16.68
CA PRO D 162 12.61 -37.13 -16.20
C PRO D 162 12.72 -38.01 -14.96
N TYR D 163 11.62 -38.17 -14.20
CA TYR D 163 11.63 -38.88 -12.92
C TYR D 163 10.78 -40.15 -12.89
N GLY D 164 10.23 -40.53 -14.04
CA GLY D 164 9.27 -41.64 -14.12
C GLY D 164 8.22 -41.25 -15.15
N LEU D 165 7.72 -42.26 -15.87
CA LEU D 165 6.90 -42.04 -17.07
C LEU D 165 5.47 -41.57 -16.80
N GLY D 166 4.98 -41.78 -15.58
CA GLY D 166 3.64 -41.38 -15.20
C GLY D 166 2.59 -42.34 -15.74
N ASN D 167 1.46 -41.78 -16.19
CA ASN D 167 0.31 -42.59 -16.59
C ASN D 167 0.59 -43.34 -17.90
N LEU D 168 0.69 -44.66 -17.83
CA LEU D 168 0.97 -45.48 -19.02
C LEU D 168 -0.27 -45.98 -19.77
N GLY D 169 -1.46 -45.55 -19.35
CA GLY D 169 -2.72 -46.02 -19.92
C GLY D 169 -2.87 -45.94 -21.43
N ASP D 170 -2.40 -44.83 -22.01
CA ASP D 170 -2.41 -44.59 -23.47
C ASP D 170 -1.01 -44.55 -24.08
N ALA D 171 0.01 -44.95 -23.32
CA ALA D 171 1.38 -44.90 -23.76
C ALA D 171 1.73 -45.99 -24.76
N ASN D 172 2.83 -45.75 -25.46
CA ASN D 172 3.43 -46.72 -26.39
C ASN D 172 4.86 -46.89 -25.90
N ILE D 173 5.01 -47.85 -25.00
CA ILE D 173 6.30 -48.10 -24.34
C ILE D 173 7.34 -48.67 -25.31
N GLU D 174 6.88 -49.28 -26.39
CA GLU D 174 7.75 -49.80 -27.46
C GLU D 174 8.40 -48.65 -28.26
N ALA D 175 7.62 -47.62 -28.59
CA ALA D 175 8.09 -46.51 -29.42
C ALA D 175 8.83 -45.40 -28.65
N TRP D 176 8.54 -45.25 -27.36
CA TRP D 176 8.97 -44.08 -26.58
C TRP D 176 10.48 -43.85 -26.61
N PRO D 177 11.29 -44.92 -26.44
CA PRO D 177 12.74 -44.73 -26.54
C PRO D 177 13.21 -44.10 -27.84
N LYS D 178 12.71 -44.62 -28.96
CA LYS D 178 13.03 -44.10 -30.28
C LYS D 178 12.59 -42.65 -30.44
N SER D 179 11.38 -42.34 -29.98
CA SER D 179 10.86 -40.98 -30.00
C SER D 179 11.71 -40.06 -29.14
N ALA D 180 12.12 -40.54 -27.96
CA ALA D 180 12.94 -39.75 -27.06
C ALA D 180 14.35 -39.53 -27.58
N LYS D 181 14.90 -40.51 -28.31
CA LYS D 181 16.20 -40.32 -28.98
C LYS D 181 16.09 -39.25 -30.03
N LEU D 182 15.06 -39.39 -30.88
CA LEU D 182 14.77 -38.36 -31.88
C LEU D 182 14.63 -36.96 -31.24
N LEU D 183 13.87 -36.83 -30.15
CA LEU D 183 13.69 -35.52 -29.49
C LEU D 183 15.01 -34.96 -28.97
N LYS D 184 15.79 -35.81 -28.32
CA LYS D 184 17.11 -35.46 -27.77
C LYS D 184 18.07 -34.97 -28.86
N SER D 185 18.08 -35.65 -30.00
CA SER D 185 18.90 -35.24 -31.15
C SER D 185 18.46 -33.89 -31.70
N LYS D 186 17.14 -33.74 -31.87
CA LYS D 186 16.55 -32.55 -32.45
C LYS D 186 16.78 -31.29 -31.62
N TYR D 187 16.55 -31.38 -30.30
CA TYR D 187 16.57 -30.21 -29.41
C TYR D 187 17.62 -30.28 -28.29
N GLY D 188 18.79 -30.85 -28.59
CA GLY D 188 19.90 -30.87 -27.65
C GLY D 188 20.41 -29.49 -27.26
N LYS D 189 20.23 -28.51 -28.15
CA LYS D 189 20.62 -27.11 -27.88
C LYS D 189 19.60 -26.28 -27.09
N ALA D 190 18.56 -26.91 -26.55
CA ALA D 190 17.60 -26.21 -25.69
C ALA D 190 18.28 -25.66 -24.43
N LYS D 191 17.85 -24.48 -23.99
CA LYS D 191 18.30 -23.89 -22.73
C LYS D 191 17.32 -24.22 -21.61
N LEU D 192 16.02 -24.20 -21.91
CA LEU D 192 14.98 -24.56 -20.93
C LEU D 192 14.04 -25.62 -21.51
N VAL D 193 13.81 -26.68 -20.74
CA VAL D 193 12.84 -27.72 -21.07
C VAL D 193 11.76 -27.67 -19.99
N VAL D 194 10.50 -27.48 -20.42
CA VAL D 194 9.36 -27.30 -19.53
C VAL D 194 8.48 -28.54 -19.61
N PRO D 195 8.56 -29.41 -18.59
CA PRO D 195 7.62 -30.52 -18.54
C PRO D 195 6.25 -30.11 -18.03
N SER D 196 5.27 -30.98 -18.28
CA SER D 196 3.90 -30.78 -17.78
C SER D 196 3.82 -30.78 -16.26
N HIS D 197 4.53 -31.72 -15.63
CA HIS D 197 4.24 -32.09 -14.23
C HIS D 197 5.44 -32.04 -13.26
N SER D 198 6.51 -31.33 -13.62
CA SER D 198 7.64 -31.15 -12.74
C SER D 198 8.31 -29.85 -13.12
N GLU D 199 9.38 -29.49 -12.41
CA GLU D 199 10.03 -28.19 -12.58
C GLU D 199 10.72 -28.02 -13.92
N VAL D 200 10.88 -26.76 -14.32
CA VAL D 200 11.69 -26.37 -15.47
C VAL D 200 13.14 -26.83 -15.23
N GLY D 201 13.78 -27.29 -16.30
CA GLY D 201 15.16 -27.77 -16.25
C GLY D 201 15.86 -27.43 -17.55
N ASP D 202 17.03 -28.02 -17.76
CA ASP D 202 17.84 -27.78 -18.96
C ASP D 202 17.74 -29.00 -19.89
N ALA D 203 18.56 -29.04 -20.93
CA ALA D 203 18.53 -30.15 -21.90
C ALA D 203 18.73 -31.55 -21.28
N SER D 204 19.30 -31.65 -20.08
CA SER D 204 19.42 -32.95 -19.38
C SER D 204 18.09 -33.69 -19.15
N LEU D 205 16.97 -32.97 -19.12
CA LEU D 205 15.64 -33.60 -19.01
C LEU D 205 15.33 -34.48 -20.22
N LEU D 206 15.92 -34.16 -21.37
CA LEU D 206 15.80 -34.97 -22.58
C LEU D 206 16.48 -36.32 -22.39
N LYS D 207 17.69 -36.30 -21.84
CA LYS D 207 18.44 -37.53 -21.55
C LYS D 207 17.73 -38.37 -20.49
N LEU D 208 17.31 -37.71 -19.42
CA LEU D 208 16.58 -38.39 -18.35
C LEU D 208 15.30 -39.04 -18.84
N THR D 209 14.57 -38.37 -19.72
CA THR D 209 13.37 -38.95 -20.33
C THR D 209 13.72 -40.17 -21.16
N LEU D 210 14.71 -40.02 -22.03
CA LEU D 210 15.22 -41.16 -22.81
C LEU D 210 15.51 -42.35 -21.90
N GLU D 211 16.26 -42.10 -20.83
CA GLU D 211 16.61 -43.15 -19.85
C GLU D 211 15.40 -43.80 -19.20
N GLN D 212 14.39 -42.99 -18.85
CA GLN D 212 13.17 -43.51 -18.23
C GLN D 212 12.38 -44.35 -19.22
N ALA D 213 12.31 -43.87 -20.46
CA ALA D 213 11.68 -44.61 -21.54
C ALA D 213 12.36 -45.96 -21.81
N VAL D 214 13.70 -45.97 -21.89
CA VAL D 214 14.46 -47.23 -22.06
C VAL D 214 14.16 -48.19 -20.89
N LYS D 215 14.30 -47.68 -19.67
CA LYS D 215 14.03 -48.46 -18.47
C LYS D 215 12.60 -49.02 -18.44
N GLY D 216 11.63 -48.20 -18.84
CA GLY D 216 10.24 -48.62 -18.92
C GLY D 216 10.00 -49.74 -19.90
N LEU D 217 10.65 -49.68 -21.06
CA LEU D 217 10.54 -50.73 -22.09
C LEU D 217 11.08 -52.08 -21.61
N ASN D 218 12.21 -52.06 -20.90
CA ASN D 218 12.83 -53.28 -20.38
C ASN D 218 11.90 -53.95 -19.36
N GLU D 219 11.50 -53.22 -18.32
CA GLU D 219 10.48 -53.71 -17.37
C GLU D 219 9.07 -53.79 -17.99
N SER D 220 8.85 -54.75 -18.90
CA SER D 220 7.52 -55.00 -19.50
C SER D 220 7.54 -56.29 -20.33
ZN ZN E . 9.91 -37.01 5.98
ZN ZN F . 10.23 -35.71 2.57
CAC FLC G . 7.28 -37.09 2.12
CA FLC G . 7.97 -38.20 1.38
CB FLC G . 9.31 -38.57 2.02
CBC FLC G . 9.35 -38.36 3.53
CG FLC G . 9.62 -40.03 1.69
CGC FLC G . 11.02 -40.44 2.08
OA1 FLC G . 6.07 -37.25 2.36
OA2 FLC G . 7.94 -36.07 2.46
OB1 FLC G . 8.66 -39.05 4.32
OB2 FLC G . 10.10 -37.45 3.95
OG1 FLC G . 11.19 -41.58 2.57
OG2 FLC G . 11.97 -39.63 1.89
OHB FLC G . 10.28 -37.70 1.44
ZN ZN H . 3.97 32.35 14.42
ZN ZN I . 7.55 32.98 14.87
CAC FLC J . 4.44 34.48 11.70
CA FLC J . 3.72 35.53 12.52
CB FLC J . 4.11 35.50 14.00
CBC FLC J . 5.52 35.02 14.23
CG FLC J . 3.91 36.92 14.55
CGC FLC J . 4.26 37.07 16.02
OA1 FLC J . 4.46 33.29 12.09
OA2 FLC J . 4.98 34.87 10.65
OB1 FLC J . 5.67 33.93 14.80
OB2 FLC J . 6.50 35.71 13.86
OG1 FLC J . 3.98 36.13 16.80
OG2 FLC J . 4.81 38.13 16.37
OHB FLC J . 3.20 34.60 14.67
ZN ZN K . -16.01 41.15 0.18
ZN ZN L . -14.02 38.32 1.26
CAC FLC M . -12.51 40.55 3.16
CA FLC M . -11.37 40.65 2.16
CB FLC M . -11.85 40.40 0.73
CBC FLC M . -13.14 41.15 0.45
CG FLC M . -10.73 40.83 -0.23
CGC FLC M . -11.07 40.58 -1.68
OA1 FLC M . -13.36 39.64 3.03
OA2 FLC M . -12.53 41.42 4.08
OB1 FLC M . -14.15 40.46 0.28
OB2 FLC M . -13.16 42.41 0.41
OG1 FLC M . -11.60 39.49 -2.02
OG2 FLC M . -10.80 41.49 -2.49
OHB FLC M . -12.12 38.99 0.61
ZN ZN N . -1.36 -37.10 -20.86
ZN ZN O . -0.13 -35.05 -18.12
CAC FLC P . 0.87 -37.92 -16.87
CA FLC P . -0.32 -37.83 -15.93
CB FLC P . -1.58 -37.24 -16.58
CBC FLC P . -1.66 -37.65 -18.03
CG FLC P . -2.82 -37.71 -15.80
CGC FLC P . -4.10 -37.09 -16.31
OA1 FLC P . 1.53 -38.98 -16.89
OA2 FLC P . 1.18 -36.95 -17.58
OB1 FLC P . -1.86 -38.87 -18.30
OB2 FLC P . -1.51 -36.75 -18.92
OG1 FLC P . -5.12 -37.82 -16.42
OG2 FLC P . -4.12 -35.87 -16.59
OHB FLC P . -1.48 -35.80 -16.54
#